data_6FW8
#
_entry.id   6FW8
#
_cell.length_a   151.130
_cell.length_b   174.088
_cell.length_c   93.922
_cell.angle_alpha   90.00
_cell.angle_beta   90.00
_cell.angle_gamma   90.00
#
_symmetry.space_group_name_H-M   'C 2 2 21'
#
loop_
_entity.id
_entity.type
_entity.pdbx_description
1 polymer 'Flavin-dependent L-tryptophan oxidase VioA'
2 non-polymer 'FLAVIN-ADENINE DINUCLEOTIDE'
3 non-polymer 5-methyl-L-tryptophan
4 non-polymer 'MAGNESIUM ION'
5 water water
#
_entity_poly.entity_id   1
_entity_poly.type   'polypeptide(L)'
_entity_poly.pdbx_seq_one_letter_code
;KHSSDICIVGAGISGLTCASHLLDSPACRGLSLRIFDMQQEAGGRIRSKMLDGKASIELGAGRYSPQLHPHFQSAMQHYS
QKSEVYPFTQLKFKSHVQQKLKRAMNELSPRLKEHGKESFLQFVSRYQGHDSAVGMIRSMGYDALFLPDISAEMAYDIVG
KHPEIQSVTDNDANQWFAAETGFAGLIQGIKAKVKAAGARFSLGYRLLSVRTDGDGYLLQLAGDDGWKLEHRTRHLILAI
PPSAMAGLNVDFPEAWSGARYGSLPLFKGFLTYGEPWWLDYKLDDQVLIVDNPLRKIYFKGDKYLFFYTDSEMANYWRGC
VAEGEDGYLEQIRTHLASALGIVRERIPQPLAHVHKYWAHGVEFCRDSDIDHPSALSHRDSGIIACSDAYTEHCGWMEGG
LLSAREASRLLLQRIAA
;
_entity_poly.pdbx_strand_id   B,A
#
# COMPACT_ATOMS: atom_id res chain seq x y z
N LYS A 1 -16.40 15.13 -3.22
CA LYS A 1 -16.23 15.97 -2.06
C LYS A 1 -16.27 17.43 -2.46
N HIS A 2 -15.10 18.02 -2.63
CA HIS A 2 -15.02 19.43 -2.98
C HIS A 2 -14.38 19.68 -4.33
N SER A 3 -13.90 20.89 -4.53
CA SER A 3 -13.32 21.26 -5.80
C SER A 3 -12.07 22.10 -5.67
N SER A 4 -11.52 22.45 -6.82
CA SER A 4 -10.34 23.26 -6.96
C SER A 4 -10.37 23.99 -8.30
N ASP A 5 -9.66 25.12 -8.37
CA ASP A 5 -9.42 25.75 -9.66
C ASP A 5 -8.43 24.94 -10.50
N ILE A 6 -7.33 24.50 -9.91
CA ILE A 6 -6.32 23.72 -10.62
C ILE A 6 -6.10 22.40 -9.89
N CYS A 7 -5.98 21.33 -10.66
CA CYS A 7 -5.68 20.04 -10.07
C CYS A 7 -4.47 19.41 -10.75
N ILE A 8 -3.51 18.95 -9.94
CA ILE A 8 -2.37 18.17 -10.41
C ILE A 8 -2.46 16.77 -9.81
N VAL A 9 -2.54 15.76 -10.69
CA VAL A 9 -2.46 14.37 -10.29
C VAL A 9 -1.05 13.87 -10.57
N GLY A 10 -0.37 13.43 -9.53
CA GLY A 10 1.02 13.02 -9.63
C GLY A 10 1.86 13.97 -8.83
N ALA A 11 2.55 13.46 -7.82
CA ALA A 11 3.42 14.26 -6.99
C ALA A 11 4.87 13.76 -7.06
N GLY A 12 5.27 13.24 -8.20
CA GLY A 12 6.68 13.11 -8.48
C GLY A 12 7.32 14.46 -8.72
N ILE A 13 8.52 14.46 -9.29
CA ILE A 13 9.23 15.71 -9.48
C ILE A 13 8.54 16.53 -10.56
N SER A 14 7.93 15.87 -11.54
CA SER A 14 7.18 16.60 -12.56
C SER A 14 6.01 17.35 -11.94
N GLY A 15 5.14 16.64 -11.23
CA GLY A 15 3.95 17.27 -10.71
C GLY A 15 4.27 18.36 -9.69
N LEU A 16 5.24 18.11 -8.82
CA LEU A 16 5.59 19.11 -7.83
C LEU A 16 6.19 20.34 -8.49
N THR A 17 7.06 20.15 -9.49
CA THR A 17 7.63 21.27 -10.22
C THR A 17 6.55 22.02 -11.01
N CYS A 18 5.62 21.30 -11.66
CA CYS A 18 4.45 21.97 -12.25
C CYS A 18 3.81 22.88 -11.23
N ALA A 19 3.47 22.33 -10.07
CA ALA A 19 2.78 23.13 -9.06
C ALA A 19 3.62 24.34 -8.68
N SER A 20 4.94 24.17 -8.61
CA SER A 20 5.82 25.26 -8.21
C SER A 20 5.83 26.38 -9.25
N HIS A 21 5.90 26.03 -10.54
CA HIS A 21 5.85 27.05 -11.59
C HIS A 21 4.51 27.77 -11.58
N LEU A 22 3.41 27.05 -11.31
CA LEU A 22 2.09 27.67 -11.34
C LEU A 22 1.93 28.68 -10.22
N LEU A 23 2.34 28.31 -9.01
CA LEU A 23 2.15 29.21 -7.88
C LEU A 23 3.11 30.39 -7.93
N ASP A 24 4.21 30.28 -8.68
CA ASP A 24 5.09 31.43 -8.87
C ASP A 24 4.40 32.53 -9.66
N SER A 25 3.42 32.16 -10.47
CA SER A 25 2.81 33.06 -11.46
C SER A 25 1.77 33.96 -10.81
N PRO A 26 1.80 35.26 -11.09
CA PRO A 26 0.73 36.14 -10.57
C PRO A 26 -0.63 35.77 -11.12
N ALA A 27 -0.69 35.16 -12.32
CA ALA A 27 -1.92 34.76 -12.97
C ALA A 27 -2.68 33.69 -12.18
N CYS A 28 -2.10 33.20 -11.08
CA CYS A 28 -2.76 32.19 -10.25
C CYS A 28 -3.13 32.73 -8.89
N ARG A 29 -2.87 34.01 -8.61
CA ARG A 29 -3.23 34.59 -7.32
C ARG A 29 -4.72 34.37 -7.04
N GLY A 30 -5.01 33.77 -5.89
CA GLY A 30 -6.38 33.46 -5.50
C GLY A 30 -6.92 32.13 -5.99
N LEU A 31 -6.33 31.52 -7.01
CA LEU A 31 -6.77 30.22 -7.47
C LEU A 31 -6.38 29.13 -6.47
N SER A 32 -7.28 28.15 -6.29
CA SER A 32 -7.04 27.03 -5.40
CA SER A 32 -7.04 27.03 -5.40
C SER A 32 -6.36 25.90 -6.15
N LEU A 33 -5.45 25.20 -5.49
CA LEU A 33 -4.71 24.14 -6.17
C LEU A 33 -4.66 22.88 -5.31
N ARG A 34 -5.10 21.78 -5.89
CA ARG A 34 -5.21 20.48 -5.23
C ARG A 34 -4.29 19.49 -5.92
N ILE A 35 -3.49 18.75 -5.14
CA ILE A 35 -2.56 17.76 -5.68
C ILE A 35 -2.89 16.36 -5.14
N PHE A 36 -3.15 15.43 -6.05
CA PHE A 36 -3.37 14.03 -5.72
C PHE A 36 -2.14 13.21 -6.09
N ASP A 37 -1.89 12.18 -5.28
CA ASP A 37 -0.98 11.09 -5.61
C ASP A 37 -1.52 9.85 -4.93
N MET A 38 -1.40 8.70 -5.61
CA MET A 38 -1.87 7.44 -5.05
C MET A 38 -0.95 6.94 -3.94
N GLN A 39 0.35 7.24 -3.99
CA GLN A 39 1.26 6.87 -2.90
C GLN A 39 1.05 7.79 -1.69
N GLN A 40 1.55 7.34 -0.54
CA GLN A 40 1.35 8.09 0.70
C GLN A 40 2.44 9.13 0.91
N GLU A 41 3.52 9.08 0.13
CA GLU A 41 4.54 10.12 0.16
C GLU A 41 4.84 10.60 -1.25
N ALA A 42 5.17 11.87 -1.35
CA ALA A 42 5.58 12.45 -2.62
C ALA A 42 6.92 11.89 -3.06
N GLY A 43 7.17 11.91 -4.38
CA GLY A 43 8.46 11.54 -4.92
C GLY A 43 8.38 10.64 -6.14
N GLY A 44 7.36 9.78 -6.22
CA GLY A 44 7.28 8.83 -7.33
C GLY A 44 8.51 7.92 -7.39
N ARG A 45 9.14 7.83 -8.59
CA ARG A 45 10.37 7.05 -8.75
C ARG A 45 11.62 7.72 -8.16
N ILE A 46 11.46 8.71 -7.30
CA ILE A 46 12.52 9.18 -6.42
C ILE A 46 12.15 8.69 -5.03
N ARG A 47 12.85 7.66 -4.54
CA ARG A 47 12.56 7.12 -3.21
C ARG A 47 13.87 6.89 -2.46
N SER A 48 14.10 7.69 -1.42
CA SER A 48 15.28 7.56 -0.56
C SER A 48 14.91 6.83 0.72
N LYS A 49 15.87 6.11 1.29
CA LYS A 49 15.66 5.34 2.50
C LYS A 49 16.95 5.34 3.31
N MET A 50 16.81 5.61 4.58
CA MET A 50 17.93 5.56 5.47
C MET A 50 17.97 4.10 5.82
N LEU A 51 18.71 3.30 5.06
CA LEU A 51 18.78 1.88 5.36
C LEU A 51 19.55 1.82 6.63
N ASP A 52 18.94 1.22 7.66
CA ASP A 52 19.47 1.07 9.03
C ASP A 52 19.61 2.33 9.92
N GLY A 53 19.42 3.52 9.36
CA GLY A 53 19.57 4.75 10.12
C GLY A 53 21.01 5.24 10.13
N LYS A 54 21.90 4.58 9.39
CA LYS A 54 23.28 4.99 9.33
C LYS A 54 23.81 5.08 7.91
N ALA A 55 22.91 5.06 6.92
CA ALA A 55 23.26 5.16 5.49
C ALA A 55 22.08 5.53 4.59
N SER A 56 22.25 6.48 3.67
CA SER A 56 21.16 6.89 2.78
C SER A 56 21.30 6.18 1.43
N ILE A 57 20.30 5.37 1.07
CA ILE A 57 20.29 4.62 -0.18
C ILE A 57 19.17 5.16 -1.08
N GLU A 58 19.35 5.01 -2.38
CA GLU A 58 18.37 5.43 -3.37
C GLU A 58 17.80 4.19 -4.05
N LEU A 59 16.52 3.92 -3.79
CA LEU A 59 15.86 2.82 -4.48
C LEU A 59 15.41 3.19 -5.88
N GLY A 60 15.22 4.48 -6.16
CA GLY A 60 14.97 4.94 -7.51
C GLY A 60 16.17 5.71 -8.04
N ALA A 61 15.93 6.94 -8.50
CA ALA A 61 16.98 7.78 -9.07
C ALA A 61 18.10 8.05 -8.08
N GLY A 62 19.35 8.01 -8.56
CA GLY A 62 20.47 8.19 -7.66
C GLY A 62 21.61 9.10 -8.08
N ARG A 63 21.67 9.50 -9.34
CA ARG A 63 22.80 10.32 -9.76
C ARG A 63 22.37 11.30 -10.85
N TYR A 64 23.10 12.41 -10.95
CA TYR A 64 22.90 13.33 -12.06
C TYR A 64 24.23 13.88 -12.51
N SER A 65 24.25 14.38 -13.76
CA SER A 65 25.40 15.05 -14.32
C SER A 65 25.11 16.54 -14.53
N PRO A 66 25.84 17.46 -13.90
CA PRO A 66 25.67 18.89 -14.26
C PRO A 66 25.82 19.16 -15.76
N GLN A 67 26.67 18.40 -16.47
CA GLN A 67 26.82 18.65 -17.90
C GLN A 67 25.58 18.25 -18.68
N LEU A 68 24.98 17.11 -18.36
CA LEU A 68 23.79 16.67 -19.08
C LEU A 68 22.50 17.17 -18.48
N HIS A 69 22.47 17.54 -17.20
CA HIS A 69 21.23 17.88 -16.50
C HIS A 69 21.37 19.23 -15.83
N PRO A 70 21.48 20.32 -16.62
CA PRO A 70 21.69 21.65 -16.01
C PRO A 70 20.50 22.13 -15.19
N HIS A 71 19.28 21.89 -15.66
CA HIS A 71 18.11 22.28 -14.87
C HIS A 71 18.03 21.51 -13.55
N PHE A 72 18.36 20.20 -13.56
CA PHE A 72 18.35 19.49 -12.30
C PHE A 72 19.38 20.05 -11.35
N GLN A 73 20.60 20.33 -11.84
CA GLN A 73 21.60 20.90 -10.95
C GLN A 73 21.12 22.24 -10.41
N SER A 74 20.48 23.04 -11.26
CA SER A 74 19.94 24.31 -10.81
C SER A 74 18.87 24.11 -9.72
N ALA A 75 18.01 23.10 -9.88
CA ALA A 75 17.01 22.83 -8.84
C ALA A 75 17.66 22.48 -7.50
N MET A 76 18.69 21.62 -7.53
CA MET A 76 19.46 21.31 -6.32
C MET A 76 19.95 22.58 -5.62
N GLN A 77 20.55 23.52 -6.39
CA GLN A 77 21.04 24.76 -5.81
CA GLN A 77 21.04 24.76 -5.81
C GLN A 77 19.89 25.63 -5.31
N HIS A 78 18.84 25.80 -6.12
CA HIS A 78 17.66 26.56 -5.69
C HIS A 78 17.14 26.08 -4.33
N TYR A 79 17.16 24.78 -4.06
CA TYR A 79 16.64 24.33 -2.79
C TYR A 79 17.74 24.02 -1.78
N SER A 80 18.98 24.43 -2.08
CA SER A 80 20.07 24.33 -1.11
C SER A 80 20.37 22.88 -0.72
N GLN A 81 20.28 21.97 -1.69
CA GLN A 81 20.62 20.58 -1.45
C GLN A 81 22.10 20.35 -1.75
N LYS A 82 22.80 19.67 -0.83
CA LYS A 82 24.22 19.41 -1.04
C LYS A 82 24.43 18.16 -1.88
N SER A 83 25.37 18.24 -2.80
CA SER A 83 25.77 17.12 -3.65
C SER A 83 27.04 16.50 -3.11
N GLU A 84 27.36 15.33 -3.67
CA GLU A 84 28.59 14.64 -3.35
C GLU A 84 29.04 13.92 -4.62
N VAL A 85 30.35 13.73 -4.76
CA VAL A 85 30.85 13.08 -5.97
C VAL A 85 30.30 11.67 -6.03
N TYR A 86 29.86 11.27 -7.22
CA TYR A 86 29.38 9.92 -7.45
C TYR A 86 30.55 9.01 -7.83
N PRO A 87 30.87 7.99 -7.04
CA PRO A 87 32.14 7.25 -7.23
C PRO A 87 32.20 6.38 -8.47
N PHE A 88 31.09 5.83 -8.93
CA PHE A 88 31.10 4.73 -9.88
C PHE A 88 31.16 5.23 -11.32
N THR A 89 32.29 5.87 -11.67
CA THR A 89 32.46 6.45 -12.99
C THR A 89 33.39 5.66 -13.89
N GLN A 90 33.97 4.56 -13.41
CA GLN A 90 34.94 3.82 -14.21
C GLN A 90 35.06 2.39 -13.66
N LEU A 91 35.61 1.50 -14.51
CA LEU A 91 35.78 0.09 -14.18
C LEU A 91 37.26 -0.30 -14.25
N LYS A 92 37.64 -1.16 -13.29
CA LYS A 92 39.02 -1.38 -12.87
C LYS A 92 39.44 -2.82 -13.06
N PHE A 93 38.61 -3.73 -12.55
CA PHE A 93 38.74 -5.16 -12.77
C PHE A 93 38.09 -5.54 -14.11
N LYS A 94 38.39 -4.71 -15.13
CA LYS A 94 38.00 -4.96 -16.51
C LYS A 94 38.46 -6.35 -16.96
N SER A 95 37.53 -7.14 -17.52
CA SER A 95 37.86 -8.41 -18.11
C SER A 95 38.52 -8.21 -19.47
N HIS A 96 38.80 -9.31 -20.18
CA HIS A 96 39.40 -9.20 -21.51
C HIS A 96 38.49 -8.39 -22.45
N VAL A 97 37.18 -8.70 -22.44
CA VAL A 97 36.23 -8.08 -23.37
C VAL A 97 36.15 -6.57 -23.15
N GLN A 98 36.23 -6.12 -21.89
CA GLN A 98 35.91 -4.75 -21.55
C GLN A 98 37.00 -3.75 -21.95
N GLN A 99 38.14 -4.22 -22.50
CA GLN A 99 39.10 -3.33 -23.16
C GLN A 99 38.81 -3.22 -24.65
N LYS A 100 38.60 -4.35 -25.33
CA LYS A 100 38.16 -4.35 -26.72
C LYS A 100 36.86 -3.57 -26.92
N LEU A 101 36.09 -3.40 -25.84
CA LEU A 101 34.84 -2.65 -25.90
C LEU A 101 35.08 -1.22 -26.39
N LYS A 102 36.19 -0.61 -26.00
CA LYS A 102 36.49 0.75 -26.43
C LYS A 102 36.88 0.80 -27.91
N ARG A 103 37.90 0.02 -28.30
CA ARG A 103 38.43 0.10 -29.65
C ARG A 103 37.45 -0.40 -30.71
N ALA A 104 36.51 -1.29 -30.33
CA ALA A 104 35.50 -1.77 -31.27
C ALA A 104 34.35 -0.78 -31.41
N MET A 105 34.00 -0.07 -30.33
CA MET A 105 32.95 0.92 -30.41
CA MET A 105 32.96 0.94 -30.38
C MET A 105 33.42 2.17 -31.17
N ASN A 106 34.70 2.53 -31.03
CA ASN A 106 35.26 3.63 -31.81
C ASN A 106 35.48 3.24 -33.27
N GLU A 107 35.57 1.94 -33.57
CA GLU A 107 35.74 1.45 -34.93
C GLU A 107 34.41 1.21 -35.65
N LEU A 108 33.39 0.71 -34.94
CA LEU A 108 32.11 0.39 -35.54
C LEU A 108 31.24 1.63 -35.76
N SER A 109 31.69 2.80 -35.28
CA SER A 109 30.96 4.07 -35.36
C SER A 109 30.84 4.68 -36.75
N PRO A 110 31.85 4.65 -37.64
CA PRO A 110 31.60 5.19 -38.99
C PRO A 110 30.49 4.46 -39.73
N ARG A 111 30.30 3.17 -39.46
CA ARG A 111 29.30 2.38 -40.17
C ARG A 111 27.87 2.70 -39.76
N LEU A 112 27.67 3.51 -38.72
CA LEU A 112 26.35 3.92 -38.27
C LEU A 112 25.79 5.09 -39.06
N LYS A 113 26.57 5.66 -39.95
CA LYS A 113 26.02 6.65 -40.87
C LYS A 113 25.01 5.89 -41.75
N GLU A 114 25.38 4.67 -42.12
CA GLU A 114 24.59 3.75 -42.92
C GLU A 114 24.30 2.53 -42.07
N HIS A 115 23.09 1.99 -42.24
CA HIS A 115 22.61 0.81 -41.53
C HIS A 115 22.68 1.19 -40.08
N GLY A 116 22.72 2.49 -39.84
CA GLY A 116 22.75 2.99 -38.47
C GLY A 116 21.54 2.75 -37.58
N LYS A 117 20.33 2.97 -38.09
CA LYS A 117 19.13 2.99 -37.25
C LYS A 117 18.53 1.60 -37.01
N GLU A 118 19.28 0.53 -37.23
CA GLU A 118 18.78 -0.81 -36.98
C GLU A 118 19.01 -1.20 -35.52
N SER A 119 18.49 -2.38 -35.15
CA SER A 119 18.68 -2.90 -33.80
C SER A 119 20.16 -2.95 -33.44
N PHE A 120 20.46 -2.59 -32.19
CA PHE A 120 21.86 -2.52 -31.75
C PHE A 120 22.52 -3.89 -31.71
N LEU A 121 21.77 -4.95 -31.36
CA LEU A 121 22.36 -6.28 -31.36
C LEU A 121 22.77 -6.72 -32.77
N GLN A 122 21.92 -6.45 -33.76
CA GLN A 122 22.19 -6.87 -35.13
C GLN A 122 23.10 -5.90 -35.89
N PHE A 123 23.29 -4.68 -35.39
CA PHE A 123 24.28 -3.79 -35.99
C PHE A 123 25.68 -4.14 -35.53
N VAL A 124 25.83 -4.51 -34.25
CA VAL A 124 27.14 -4.90 -33.73
C VAL A 124 27.58 -6.26 -34.28
N SER A 125 26.64 -7.12 -34.66
CA SER A 125 26.96 -8.38 -35.30
C SER A 125 26.96 -8.31 -36.84
N ARG A 126 26.90 -7.10 -37.41
CA ARG A 126 27.06 -6.89 -38.84
C ARG A 126 28.48 -6.45 -39.21
N TYR A 127 29.38 -6.33 -38.22
CA TYR A 127 30.81 -6.10 -38.47
C TYR A 127 31.68 -6.88 -37.49
N GLN A 128 31.10 -7.74 -36.67
CA GLN A 128 31.82 -8.70 -35.85
C GLN A 128 30.91 -9.91 -35.67
N GLY A 129 31.48 -11.02 -35.19
CA GLY A 129 30.69 -12.22 -35.02
C GLY A 129 29.48 -11.97 -34.13
N HIS A 130 28.43 -12.78 -34.34
CA HIS A 130 27.28 -12.68 -33.45
C HIS A 130 27.61 -13.22 -32.06
N ASP A 131 28.33 -14.33 -31.98
CA ASP A 131 28.86 -14.78 -30.69
C ASP A 131 29.79 -13.74 -30.07
N SER A 132 30.38 -12.86 -30.89
CA SER A 132 31.20 -11.74 -30.41
C SER A 132 30.36 -10.53 -30.04
N ALA A 133 29.22 -10.34 -30.70
CA ALA A 133 28.36 -9.19 -30.41
C ALA A 133 27.64 -9.37 -29.08
N VAL A 134 27.19 -10.60 -28.78
CA VAL A 134 26.52 -10.87 -27.52
C VAL A 134 27.48 -10.76 -26.34
N GLY A 135 28.78 -11.00 -26.56
CA GLY A 135 29.74 -10.84 -25.48
C GLY A 135 30.15 -9.41 -25.23
N MET A 136 30.15 -8.58 -26.28
CA MET A 136 30.54 -7.17 -26.18
C MET A 136 29.44 -6.34 -25.55
N ILE A 137 28.20 -6.54 -25.98
CA ILE A 137 27.06 -5.81 -25.43
C ILE A 137 26.83 -6.20 -23.97
N ARG A 138 26.93 -7.49 -23.66
CA ARG A 138 26.70 -7.96 -22.30
C ARG A 138 27.71 -7.39 -21.31
N SER A 139 28.94 -7.15 -21.76
CA SER A 139 29.96 -6.57 -20.89
C SER A 139 29.66 -5.11 -20.49
N MET A 140 28.56 -4.53 -20.97
CA MET A 140 28.16 -3.17 -20.62
C MET A 140 27.13 -3.11 -19.49
N GLY A 141 26.64 -4.25 -19.00
CA GLY A 141 25.82 -4.30 -17.80
C GLY A 141 24.37 -3.94 -17.96
N TYR A 142 23.96 -3.38 -19.10
CA TYR A 142 22.60 -2.92 -19.35
C TYR A 142 21.95 -3.82 -20.39
N ASP A 143 21.01 -4.65 -19.93
CA ASP A 143 20.34 -5.59 -20.81
C ASP A 143 19.31 -4.94 -21.71
N ALA A 144 19.04 -3.66 -21.49
CA ALA A 144 18.26 -2.88 -22.45
C ALA A 144 18.86 -2.94 -23.85
N LEU A 145 20.18 -3.09 -23.95
CA LEU A 145 20.88 -3.01 -25.23
C LEU A 145 20.75 -4.29 -26.08
N PHE A 146 20.02 -5.31 -25.61
CA PHE A 146 19.81 -6.55 -26.35
C PHE A 146 18.43 -6.62 -27.01
N LEU A 147 17.62 -5.52 -26.97
CA LEU A 147 16.21 -5.65 -27.32
C LEU A 147 15.94 -5.13 -28.73
N PRO A 148 14.89 -5.68 -29.35
CA PRO A 148 14.57 -5.31 -30.75
C PRO A 148 14.51 -3.82 -31.04
N ASP A 149 13.74 -3.07 -30.25
CA ASP A 149 13.33 -1.71 -30.60
C ASP A 149 14.30 -0.65 -30.10
N ILE A 150 15.40 -1.04 -29.46
CA ILE A 150 16.47 -0.10 -29.13
C ILE A 150 17.47 -0.14 -30.29
N SER A 151 17.53 0.95 -31.04
CA SER A 151 18.35 0.96 -32.25
C SER A 151 19.84 1.04 -31.90
N ALA A 152 20.69 0.79 -32.90
CA ALA A 152 22.10 1.08 -32.77
C ALA A 152 22.33 2.57 -32.55
N GLU A 153 21.41 3.39 -33.05
CA GLU A 153 21.43 4.83 -32.83
C GLU A 153 21.13 5.16 -31.37
N MET A 154 19.93 4.77 -30.90
CA MET A 154 19.53 5.04 -29.52
C MET A 154 20.35 4.28 -28.48
N ALA A 155 21.16 3.31 -28.89
CA ALA A 155 22.04 2.60 -27.97
C ALA A 155 23.37 3.33 -27.75
N TYR A 156 23.88 4.04 -28.75
CA TYR A 156 25.06 4.86 -28.55
C TYR A 156 24.78 6.05 -27.64
N ASP A 157 23.53 6.54 -27.63
CA ASP A 157 23.14 7.59 -26.69
C ASP A 157 23.06 7.05 -25.27
N ILE A 158 22.57 5.81 -25.08
CA ILE A 158 22.50 5.22 -23.75
C ILE A 158 23.89 5.01 -23.16
N VAL A 159 24.79 4.42 -23.94
CA VAL A 159 26.12 4.06 -23.43
C VAL A 159 26.88 5.31 -22.96
N GLY A 160 26.74 6.44 -23.68
CA GLY A 160 27.48 7.65 -23.35
C GLY A 160 26.89 8.50 -22.24
N LYS A 161 25.62 8.30 -21.89
CA LYS A 161 25.01 9.08 -20.83
C LYS A 161 24.93 8.33 -19.50
N HIS A 162 25.60 7.19 -19.36
CA HIS A 162 25.58 6.42 -18.12
C HIS A 162 26.96 6.35 -17.48
N PRO A 163 27.08 6.67 -16.19
CA PRO A 163 28.42 6.85 -15.59
C PRO A 163 29.33 5.63 -15.67
N GLU A 164 28.80 4.40 -15.57
CA GLU A 164 29.66 3.22 -15.47
C GLU A 164 30.40 2.92 -16.77
N ILE A 165 29.85 3.35 -17.92
CA ILE A 165 30.35 2.93 -19.22
C ILE A 165 30.51 4.11 -20.17
N GLN A 166 30.48 5.34 -19.65
CA GLN A 166 30.61 6.49 -20.55
C GLN A 166 32.00 6.60 -21.16
N SER A 167 33.02 6.02 -20.49
CA SER A 167 34.35 5.92 -21.07
C SER A 167 34.34 5.24 -22.43
N VAL A 168 33.39 4.32 -22.66
CA VAL A 168 33.33 3.54 -23.89
C VAL A 168 33.08 4.42 -25.13
N THR A 169 32.56 5.64 -24.97
CA THR A 169 32.33 6.50 -26.14
C THR A 169 32.88 7.92 -25.92
N ASP A 170 33.99 8.05 -25.20
CA ASP A 170 34.70 9.33 -25.04
C ASP A 170 33.77 10.42 -24.48
N ASN A 171 33.10 10.10 -23.39
CA ASN A 171 32.21 11.03 -22.69
C ASN A 171 32.57 11.12 -21.21
N ASP A 172 33.86 10.98 -20.89
CA ASP A 172 34.34 11.20 -19.52
C ASP A 172 34.39 12.67 -19.13
N ALA A 173 34.09 13.60 -20.04
CA ALA A 173 33.95 15.00 -19.65
C ALA A 173 32.87 15.20 -18.60
N ASN A 174 31.92 14.25 -18.50
CA ASN A 174 30.71 14.43 -17.72
C ASN A 174 30.95 14.00 -16.27
N GLN A 175 30.74 14.92 -15.35
CA GLN A 175 30.84 14.58 -13.94
C GLN A 175 29.50 14.07 -13.44
N TRP A 176 29.56 13.34 -12.33
CA TRP A 176 28.38 12.72 -11.73
C TRP A 176 28.36 13.00 -10.24
N PHE A 177 27.19 13.39 -9.75
CA PHE A 177 26.99 13.66 -8.35
C PHE A 177 25.79 12.88 -7.88
N ALA A 178 25.79 12.59 -6.58
CA ALA A 178 24.62 12.09 -5.87
C ALA A 178 24.23 13.13 -4.84
N ALA A 179 23.01 13.00 -4.33
CA ALA A 179 22.57 13.87 -3.24
C ALA A 179 23.15 13.38 -1.93
N GLU A 180 23.60 14.32 -1.10
CA GLU A 180 24.21 13.97 0.18
C GLU A 180 23.19 13.36 1.13
N THR A 181 21.96 13.86 1.14
CA THR A 181 20.89 13.30 1.97
C THR A 181 19.85 12.54 1.16
N GLY A 182 20.13 12.27 -0.11
CA GLY A 182 19.11 11.66 -0.96
C GLY A 182 18.26 12.69 -1.67
N PHE A 183 17.78 12.31 -2.84
CA PHE A 183 16.91 13.19 -3.60
C PHE A 183 15.56 13.41 -2.94
N ALA A 184 15.22 12.60 -1.94
CA ALA A 184 14.04 12.91 -1.13
C ALA A 184 14.11 14.33 -0.61
N GLY A 185 15.31 14.80 -0.26
CA GLY A 185 15.47 16.13 0.27
C GLY A 185 15.08 17.20 -0.73
N LEU A 186 15.32 16.96 -2.02
CA LEU A 186 14.87 17.90 -3.02
C LEU A 186 13.36 17.87 -3.14
N ILE A 187 12.80 16.66 -3.13
CA ILE A 187 11.35 16.50 -3.18
C ILE A 187 10.68 17.21 -2.01
N GLN A 188 11.27 17.09 -0.81
CA GLN A 188 10.69 17.75 0.34
CA GLN A 188 10.69 17.75 0.35
C GLN A 188 10.83 19.27 0.27
N GLY A 189 11.85 19.77 -0.43
CA GLY A 189 12.00 21.21 -0.55
C GLY A 189 10.91 21.80 -1.43
N ILE A 190 10.70 21.22 -2.61
CA ILE A 190 9.62 21.67 -3.47
C ILE A 190 8.27 21.53 -2.75
N LYS A 191 8.00 20.34 -2.19
CA LYS A 191 6.73 20.12 -1.51
C LYS A 191 6.48 21.20 -0.46
N ALA A 192 7.50 21.53 0.35
CA ALA A 192 7.32 22.54 1.39
C ALA A 192 7.00 23.91 0.80
N LYS A 193 7.64 24.27 -0.31
CA LYS A 193 7.38 25.55 -0.94
C LYS A 193 5.95 25.61 -1.48
N VAL A 194 5.53 24.53 -2.14
CA VAL A 194 4.20 24.43 -2.70
C VAL A 194 3.12 24.41 -1.61
N LYS A 195 3.41 23.76 -0.46
CA LYS A 195 2.48 23.82 0.67
C LYS A 195 2.42 25.22 1.26
N ALA A 196 3.57 25.86 1.44
CA ALA A 196 3.62 27.18 2.06
C ALA A 196 2.87 28.23 1.26
N ALA A 197 2.67 28.00 -0.05
CA ALA A 197 1.93 28.88 -0.94
C ALA A 197 0.47 28.49 -1.06
N GLY A 198 0.00 27.50 -0.29
CA GLY A 198 -1.42 27.23 -0.13
C GLY A 198 -1.98 26.06 -0.90
N ALA A 199 -1.15 25.33 -1.67
CA ALA A 199 -1.65 24.13 -2.34
C ALA A 199 -2.11 23.09 -1.32
N ARG A 200 -3.15 22.35 -1.67
CA ARG A 200 -3.71 21.33 -0.79
CA ARG A 200 -3.72 21.33 -0.81
C ARG A 200 -3.32 19.95 -1.33
N PHE A 201 -2.73 19.13 -0.46
CA PHE A 201 -2.30 17.78 -0.81
C PHE A 201 -3.33 16.73 -0.38
N SER A 202 -3.61 15.79 -1.28
CA SER A 202 -4.41 14.61 -0.96
C SER A 202 -3.60 13.39 -1.41
N LEU A 203 -2.72 12.93 -0.53
CA LEU A 203 -1.94 11.74 -0.79
C LEU A 203 -2.73 10.49 -0.46
N GLY A 204 -2.34 9.38 -1.07
CA GLY A 204 -3.03 8.12 -0.90
C GLY A 204 -4.28 7.91 -1.74
N TYR A 205 -4.55 8.78 -2.73
CA TYR A 205 -5.74 8.70 -3.58
C TYR A 205 -5.36 8.41 -5.03
N ARG A 206 -5.94 7.37 -5.61
CA ARG A 206 -5.64 6.98 -6.99
C ARG A 206 -6.74 7.47 -7.93
N LEU A 207 -6.32 8.17 -9.00
CA LEU A 207 -7.24 8.60 -10.04
C LEU A 207 -7.70 7.41 -10.88
N LEU A 208 -9.01 7.18 -10.92
CA LEU A 208 -9.59 6.10 -11.71
C LEU A 208 -10.06 6.55 -13.08
N SER A 209 -10.50 7.79 -13.21
CA SER A 209 -11.18 8.25 -14.41
C SER A 209 -11.47 9.74 -14.31
N VAL A 210 -11.55 10.39 -15.45
CA VAL A 210 -11.90 11.78 -15.56
C VAL A 210 -12.90 11.91 -16.70
N ARG A 211 -13.86 12.82 -16.56
CA ARG A 211 -14.78 13.14 -17.62
C ARG A 211 -14.93 14.66 -17.66
N THR A 212 -15.06 15.21 -18.86
CA THR A 212 -15.37 16.64 -18.94
C THR A 212 -16.77 16.88 -18.38
N ASP A 213 -16.97 18.05 -17.82
CA ASP A 213 -18.19 18.34 -17.08
C ASP A 213 -18.40 19.86 -17.16
N GLY A 214 -19.05 20.29 -18.24
CA GLY A 214 -19.14 21.70 -18.53
C GLY A 214 -17.79 22.23 -18.94
N ASP A 215 -17.40 23.36 -18.34
CA ASP A 215 -16.08 23.93 -18.64
C ASP A 215 -14.95 23.08 -18.07
N GLY A 216 -15.19 22.42 -16.94
CA GLY A 216 -14.18 21.74 -16.16
C GLY A 216 -14.19 20.24 -16.30
N TYR A 217 -13.79 19.56 -15.23
CA TYR A 217 -13.57 18.12 -15.22
C TYR A 217 -14.06 17.52 -13.92
N LEU A 218 -14.59 16.31 -14.01
CA LEU A 218 -15.03 15.55 -12.86
C LEU A 218 -14.11 14.35 -12.71
N LEU A 219 -13.36 14.30 -11.62
CA LEU A 219 -12.41 13.22 -11.36
C LEU A 219 -12.99 12.24 -10.34
N GLN A 220 -12.77 10.96 -10.60
CA GLN A 220 -13.14 9.86 -9.70
C GLN A 220 -11.86 9.28 -9.11
N LEU A 221 -11.74 9.32 -7.80
CA LEU A 221 -10.56 8.79 -7.15
C LEU A 221 -10.96 7.77 -6.09
N ALA A 222 -10.04 6.85 -5.84
CA ALA A 222 -10.17 5.81 -4.84
C ALA A 222 -9.05 5.97 -3.83
N GLY A 223 -9.40 6.23 -2.57
CA GLY A 223 -8.43 6.14 -1.50
C GLY A 223 -7.95 4.72 -1.31
N ASP A 224 -6.75 4.58 -0.76
CA ASP A 224 -6.15 3.27 -0.61
C ASP A 224 -6.76 2.46 0.54
N ASP A 225 -7.75 3.01 1.23
CA ASP A 225 -8.59 2.29 2.19
C ASP A 225 -10.00 2.12 1.67
N GLY A 226 -10.22 2.30 0.37
CA GLY A 226 -11.52 2.11 -0.23
C GLY A 226 -12.33 3.36 -0.44
N TRP A 227 -12.08 4.42 0.34
CA TRP A 227 -12.93 5.60 0.28
C TRP A 227 -12.97 6.16 -1.14
N LYS A 228 -14.16 6.19 -1.74
CA LYS A 228 -14.31 6.70 -3.08
C LYS A 228 -14.55 8.20 -3.01
N LEU A 229 -14.04 8.92 -4.00
CA LEU A 229 -13.99 10.36 -3.88
C LEU A 229 -14.18 11.00 -5.25
N GLU A 230 -15.02 12.02 -5.31
CA GLU A 230 -15.32 12.75 -6.53
C GLU A 230 -14.76 14.15 -6.38
N HIS A 231 -13.98 14.61 -7.36
CA HIS A 231 -13.36 15.93 -7.29
C HIS A 231 -13.56 16.69 -8.60
N ARG A 232 -14.01 17.92 -8.48
CA ARG A 232 -14.28 18.78 -9.63
C ARG A 232 -13.20 19.85 -9.72
N THR A 233 -12.68 20.05 -10.93
CA THR A 233 -11.64 21.03 -11.13
C THR A 233 -11.87 21.72 -12.47
N ARG A 234 -11.23 22.88 -12.61
CA ARG A 234 -11.36 23.64 -13.85
C ARG A 234 -10.13 23.50 -14.75
N HIS A 235 -8.95 23.26 -14.19
CA HIS A 235 -7.78 22.95 -15.01
C HIS A 235 -7.07 21.75 -14.41
N LEU A 236 -6.52 20.90 -15.27
CA LEU A 236 -6.10 19.56 -14.87
C LEU A 236 -4.79 19.19 -15.55
N ILE A 237 -3.75 18.98 -14.77
CA ILE A 237 -2.50 18.41 -15.26
C ILE A 237 -2.37 16.99 -14.71
N LEU A 238 -2.16 16.04 -15.60
CA LEU A 238 -1.83 14.66 -15.25
C LEU A 238 -0.32 14.52 -15.32
N ALA A 239 0.33 14.61 -14.16
CA ALA A 239 1.77 14.48 -14.09
C ALA A 239 2.14 13.04 -13.74
N ILE A 240 1.82 12.15 -14.68
CA ILE A 240 2.02 10.73 -14.48
C ILE A 240 2.60 10.12 -15.75
N PRO A 241 3.32 9.00 -15.60
CA PRO A 241 4.00 8.38 -16.78
C PRO A 241 3.02 7.82 -17.79
N PRO A 242 3.49 7.58 -19.03
CA PRO A 242 2.60 6.98 -20.05
C PRO A 242 1.97 5.65 -19.66
N SER A 243 2.69 4.80 -18.92
CA SER A 243 2.06 3.58 -18.43
C SER A 243 0.85 3.88 -17.56
N ALA A 244 0.90 4.96 -16.76
CA ALA A 244 -0.25 5.35 -15.93
C ALA A 244 -1.37 6.00 -16.74
N MET A 245 -1.02 6.70 -17.83
CA MET A 245 -2.02 7.35 -18.68
C MET A 245 -2.95 6.33 -19.32
N ALA A 246 -2.39 5.20 -19.74
CA ALA A 246 -3.20 4.21 -20.44
C ALA A 246 -4.25 3.62 -19.53
N GLY A 247 -3.96 3.52 -18.23
CA GLY A 247 -4.91 2.96 -17.29
C GLY A 247 -6.17 3.77 -17.12
N LEU A 248 -6.20 4.98 -17.66
CA LEU A 248 -7.37 5.85 -17.54
C LEU A 248 -8.21 5.75 -18.80
N ASN A 249 -9.27 6.54 -18.83
CA ASN A 249 -10.24 6.56 -19.92
C ASN A 249 -10.02 7.77 -20.84
N VAL A 250 -8.78 8.10 -21.18
CA VAL A 250 -8.52 9.36 -21.86
C VAL A 250 -7.89 9.18 -23.23
N ASP A 251 -8.17 8.04 -23.88
CA ASP A 251 -7.71 7.79 -25.25
C ASP A 251 -6.22 8.06 -25.37
N PHE A 252 -5.45 7.40 -24.51
CA PHE A 252 -4.01 7.51 -24.59
C PHE A 252 -3.45 6.29 -25.30
N PRO A 253 -2.51 6.49 -26.25
CA PRO A 253 -1.91 7.78 -26.66
C PRO A 253 -2.49 8.54 -27.87
N GLU A 254 -3.64 8.12 -28.43
CA GLU A 254 -4.08 8.65 -29.72
C GLU A 254 -4.43 10.14 -29.64
N ALA A 255 -5.33 10.49 -28.72
CA ALA A 255 -5.83 11.86 -28.66
C ALA A 255 -4.81 12.85 -28.11
N TRP A 256 -3.54 12.44 -28.06
CA TRP A 256 -2.51 13.27 -27.44
C TRP A 256 -1.33 13.47 -28.38
N SER A 257 -0.80 12.38 -28.91
CA SER A 257 0.47 12.43 -29.62
C SER A 257 0.50 11.40 -30.73
N GLY A 258 1.37 11.66 -31.71
CA GLY A 258 1.68 10.75 -32.79
C GLY A 258 2.81 9.81 -32.49
N ALA A 259 3.37 9.87 -31.27
CA ALA A 259 4.38 8.94 -30.81
C ALA A 259 3.73 7.85 -29.96
N ARG A 260 4.30 6.64 -30.04
CA ARG A 260 3.95 5.56 -29.12
C ARG A 260 5.08 5.40 -28.11
N TYR A 261 4.77 4.70 -27.00
CA TYR A 261 5.64 4.69 -25.83
C TYR A 261 5.88 3.28 -25.35
N GLY A 262 7.09 3.04 -24.83
CA GLY A 262 7.42 1.79 -24.20
C GLY A 262 8.04 1.99 -22.82
N SER A 263 8.25 0.86 -22.13
CA SER A 263 8.86 0.92 -20.80
C SER A 263 9.73 -0.32 -20.56
N LEU A 264 10.61 -0.21 -19.57
CA LEU A 264 11.52 -1.27 -19.14
C LEU A 264 11.45 -1.43 -17.63
N PRO A 265 11.49 -2.67 -17.14
CA PRO A 265 11.61 -2.89 -15.69
C PRO A 265 13.03 -2.74 -15.19
N LEU A 266 13.15 -2.37 -13.92
CA LEU A 266 14.41 -2.13 -13.23
C LEU A 266 14.34 -2.78 -11.86
N PHE A 267 15.50 -3.14 -11.32
CA PHE A 267 15.55 -3.85 -10.05
C PHE A 267 16.83 -3.45 -9.34
N LYS A 268 16.71 -3.10 -8.05
CA LYS A 268 17.87 -2.86 -7.19
C LYS A 268 17.73 -3.69 -5.92
N GLY A 269 18.86 -4.23 -5.45
CA GLY A 269 18.92 -4.90 -4.16
C GLY A 269 20.08 -4.38 -3.35
N PHE A 270 19.85 -4.07 -2.09
CA PHE A 270 20.84 -3.49 -1.20
C PHE A 270 21.14 -4.47 -0.07
N LEU A 271 22.42 -4.61 0.26
CA LEU A 271 22.83 -5.55 1.30
C LEU A 271 23.84 -4.88 2.21
N THR A 272 23.58 -4.97 3.51
CA THR A 272 24.48 -4.48 4.55
C THR A 272 24.97 -5.65 5.36
N TYR A 273 26.14 -5.48 5.97
CA TYR A 273 26.82 -6.57 6.65
C TYR A 273 27.39 -6.05 7.97
N GLY A 274 27.67 -6.99 8.87
CA GLY A 274 28.32 -6.63 10.12
C GLY A 274 29.74 -6.13 9.93
N GLU A 275 30.44 -6.64 8.91
CA GLU A 275 31.82 -6.26 8.64
C GLU A 275 31.93 -5.89 7.18
N PRO A 276 32.57 -4.77 6.84
CA PRO A 276 32.76 -4.45 5.42
C PRO A 276 33.77 -5.38 4.76
N TRP A 277 33.35 -6.64 4.56
CA TRP A 277 34.27 -7.66 4.08
C TRP A 277 34.89 -7.35 2.72
N TRP A 278 34.26 -6.50 1.89
CA TRP A 278 34.78 -6.32 0.53
C TRP A 278 36.00 -5.42 0.46
N LEU A 279 36.45 -4.87 1.58
CA LEU A 279 37.64 -4.02 1.55
C LEU A 279 38.92 -4.82 1.35
N ASP A 280 38.98 -6.08 1.83
CA ASP A 280 40.14 -6.91 1.57
C ASP A 280 40.39 -7.11 0.07
N TYR A 281 39.40 -6.80 -0.76
CA TYR A 281 39.52 -6.93 -2.21
C TYR A 281 39.66 -5.58 -2.89
N LYS A 282 39.87 -4.52 -2.11
CA LYS A 282 40.01 -3.15 -2.63
C LYS A 282 38.82 -2.78 -3.53
N LEU A 283 37.61 -3.06 -3.03
CA LEU A 283 36.39 -2.89 -3.79
C LEU A 283 35.57 -1.67 -3.41
N ASP A 284 35.93 -0.93 -2.36
CA ASP A 284 35.11 0.20 -1.95
C ASP A 284 35.10 1.30 -3.02
N ASP A 285 33.90 1.81 -3.30
CA ASP A 285 33.70 2.87 -4.31
C ASP A 285 34.07 2.39 -5.71
N GLN A 286 34.02 1.09 -5.92
CA GLN A 286 34.19 0.51 -7.23
C GLN A 286 32.92 -0.22 -7.66
N VAL A 287 32.80 -0.43 -8.97
CA VAL A 287 31.65 -1.10 -9.55
C VAL A 287 32.18 -2.15 -10.53
N LEU A 288 31.66 -3.37 -10.40
CA LEU A 288 32.00 -4.49 -11.27
C LEU A 288 30.83 -4.80 -12.17
N ILE A 289 31.11 -5.02 -13.44
CA ILE A 289 30.12 -5.42 -14.44
C ILE A 289 30.43 -6.86 -14.80
N VAL A 290 29.45 -7.74 -14.61
CA VAL A 290 29.69 -9.18 -14.66
C VAL A 290 28.66 -9.84 -15.57
N ASP A 291 29.04 -11.00 -16.11
CA ASP A 291 28.12 -11.79 -16.92
C ASP A 291 26.98 -12.35 -16.08
N ASN A 292 27.27 -12.77 -14.82
CA ASN A 292 26.25 -13.47 -14.03
C ASN A 292 25.06 -12.55 -13.75
N PRO A 293 23.94 -13.10 -13.23
CA PRO A 293 22.70 -12.30 -13.11
C PRO A 293 22.81 -11.02 -12.30
N LEU A 294 23.84 -10.82 -11.47
CA LEU A 294 23.94 -9.55 -10.75
C LEU A 294 24.23 -8.39 -11.69
N ARG A 295 24.92 -8.64 -12.81
CA ARG A 295 25.16 -7.68 -13.89
C ARG A 295 26.02 -6.49 -13.45
N LYS A 296 25.52 -5.61 -12.56
CA LYS A 296 26.33 -4.49 -12.09
C LYS A 296 26.36 -4.52 -10.55
N ILE A 297 27.54 -4.59 -9.97
CA ILE A 297 27.71 -4.75 -8.51
C ILE A 297 28.45 -3.55 -7.99
N TYR A 298 27.85 -2.83 -7.03
CA TYR A 298 28.40 -1.59 -6.51
C TYR A 298 28.76 -1.73 -5.04
N PHE A 299 29.96 -1.28 -4.67
CA PHE A 299 30.41 -1.30 -3.29
C PHE A 299 30.58 0.16 -2.81
N LYS A 300 29.70 0.59 -1.92
CA LYS A 300 29.65 1.98 -1.49
C LYS A 300 30.48 2.13 -0.21
N GLY A 301 31.69 2.67 -0.38
CA GLY A 301 32.60 2.85 0.75
C GLY A 301 32.72 1.58 1.54
N ASP A 302 32.46 1.68 2.84
CA ASP A 302 32.36 0.51 3.70
C ASP A 302 30.99 0.42 4.34
N LYS A 303 29.96 0.93 3.66
CA LYS A 303 28.62 1.04 4.22
C LYS A 303 27.70 -0.08 3.74
N TYR A 304 27.71 -0.36 2.44
CA TYR A 304 26.77 -1.34 1.88
C TYR A 304 27.24 -1.67 0.47
N LEU A 305 26.58 -2.67 -0.10
CA LEU A 305 26.75 -2.98 -1.51
C LEU A 305 25.38 -3.14 -2.10
N PHE A 306 25.31 -3.02 -3.41
CA PHE A 306 24.03 -3.21 -4.06
C PHE A 306 24.28 -3.63 -5.49
N PHE A 307 23.21 -4.05 -6.15
CA PHE A 307 23.29 -4.42 -7.55
C PHE A 307 22.05 -3.91 -8.25
N TYR A 308 22.19 -3.74 -9.56
CA TYR A 308 21.26 -2.97 -10.37
C TYR A 308 21.14 -3.65 -11.72
N THR A 309 19.93 -4.02 -12.10
CA THR A 309 19.67 -4.75 -13.34
C THR A 309 18.41 -4.20 -13.98
N ASP A 310 18.26 -4.53 -15.24
CA ASP A 310 17.14 -4.09 -16.03
C ASP A 310 16.65 -5.17 -16.96
N SER A 311 15.48 -4.93 -17.52
CA SER A 311 14.86 -5.82 -18.47
C SER A 311 14.67 -7.22 -17.94
N GLU A 312 15.04 -8.21 -18.73
CA GLU A 312 14.84 -9.59 -18.37
C GLU A 312 15.54 -9.92 -17.09
N MET A 313 16.68 -9.33 -16.87
CA MET A 313 17.39 -9.58 -15.63
C MET A 313 16.66 -9.01 -14.41
N ALA A 314 15.99 -7.86 -14.59
CA ALA A 314 15.16 -7.33 -13.51
C ALA A 314 14.00 -8.27 -13.22
N ASN A 315 13.44 -8.86 -14.28
CA ASN A 315 12.35 -9.82 -14.10
C ASN A 315 12.86 -11.14 -13.54
N TYR A 316 14.11 -11.51 -13.83
CA TYR A 316 14.68 -12.68 -13.19
C TYR A 316 14.66 -12.53 -11.68
N TRP A 317 15.16 -11.40 -11.19
CA TRP A 317 15.29 -11.22 -9.74
C TRP A 317 13.93 -11.09 -9.06
N ARG A 318 12.97 -10.45 -9.73
CA ARG A 318 11.67 -10.23 -9.11
C ARG A 318 10.95 -11.56 -8.93
N GLY A 319 11.10 -12.45 -9.92
CA GLY A 319 10.61 -13.81 -9.78
C GLY A 319 11.32 -14.56 -8.66
N CYS A 320 12.65 -14.46 -8.62
CA CYS A 320 13.39 -15.09 -7.53
C CYS A 320 12.87 -14.62 -6.16
N VAL A 321 12.63 -13.32 -6.00
CA VAL A 321 12.09 -12.76 -4.76
C VAL A 321 10.71 -13.33 -4.46
N ALA A 322 9.90 -13.55 -5.50
CA ALA A 322 8.56 -14.06 -5.28
C ALA A 322 8.57 -15.48 -4.72
N GLU A 323 9.55 -16.30 -5.09
CA GLU A 323 9.68 -17.65 -4.60
C GLU A 323 10.28 -17.71 -3.20
N GLY A 324 10.60 -16.57 -2.57
CA GLY A 324 11.08 -16.59 -1.20
C GLY A 324 12.41 -15.90 -0.94
N GLU A 325 12.46 -15.19 0.18
CA GLU A 325 13.61 -14.35 0.51
C GLU A 325 14.88 -15.15 0.70
N ASP A 326 14.76 -16.43 1.09
CA ASP A 326 15.94 -17.25 1.36
CA ASP A 326 15.97 -17.21 1.35
C ASP A 326 16.65 -17.64 0.06
N GLY A 327 15.90 -18.11 -0.94
CA GLY A 327 16.51 -18.52 -2.19
C GLY A 327 17.10 -17.34 -2.94
N TYR A 328 16.46 -16.18 -2.82
CA TYR A 328 16.98 -14.94 -3.38
C TYR A 328 18.33 -14.57 -2.78
N LEU A 329 18.42 -14.54 -1.44
CA LEU A 329 19.67 -14.20 -0.77
C LEU A 329 20.79 -15.20 -1.07
N GLU A 330 20.45 -16.48 -1.23
CA GLU A 330 21.48 -17.48 -1.51
C GLU A 330 21.98 -17.35 -2.95
N GLN A 331 21.06 -17.11 -3.89
CA GLN A 331 21.43 -16.77 -5.26
C GLN A 331 22.46 -15.64 -5.29
N ILE A 332 22.23 -14.57 -4.53
CA ILE A 332 23.15 -13.44 -4.53
C ILE A 332 24.53 -13.83 -4.02
N ARG A 333 24.58 -14.63 -2.94
CA ARG A 333 25.86 -15.13 -2.43
C ARG A 333 26.61 -15.91 -3.52
N THR A 334 25.90 -16.77 -4.25
CA THR A 334 26.54 -17.55 -5.31
C THR A 334 27.14 -16.63 -6.37
N HIS A 335 26.32 -15.74 -6.92
CA HIS A 335 26.77 -14.84 -7.98
C HIS A 335 27.81 -13.85 -7.48
N LEU A 336 27.77 -13.47 -6.21
CA LEU A 336 28.86 -12.65 -5.68
C LEU A 336 30.16 -13.44 -5.64
N ALA A 337 30.10 -14.70 -5.19
CA ALA A 337 31.30 -15.52 -5.08
C ALA A 337 31.98 -15.71 -6.44
N SER A 338 31.21 -16.07 -7.47
CA SER A 338 31.79 -16.25 -8.79
C SER A 338 32.31 -14.92 -9.36
N ALA A 339 31.67 -13.79 -9.02
CA ALA A 339 32.15 -12.51 -9.51
C ALA A 339 33.51 -12.17 -8.93
N LEU A 340 33.74 -12.52 -7.67
CA LEU A 340 35.00 -12.24 -7.01
C LEU A 340 36.02 -13.35 -7.15
N GLY A 341 35.64 -14.48 -7.76
CA GLY A 341 36.54 -15.59 -7.95
C GLY A 341 36.85 -16.38 -6.69
N ILE A 342 35.91 -16.46 -5.75
CA ILE A 342 36.11 -17.17 -4.49
C ILE A 342 34.98 -18.18 -4.28
N VAL A 343 35.11 -19.00 -3.22
CA VAL A 343 34.08 -19.99 -2.90
C VAL A 343 32.93 -19.33 -2.14
N ARG A 344 31.73 -19.92 -2.27
CA ARG A 344 30.54 -19.39 -1.60
C ARG A 344 30.76 -19.11 -0.12
N GLU A 345 31.49 -19.99 0.58
CA GLU A 345 31.56 -19.90 2.04
C GLU A 345 32.37 -18.71 2.52
N ARG A 346 33.06 -18.00 1.63
CA ARG A 346 33.79 -16.80 2.03
C ARG A 346 32.94 -15.53 1.97
N ILE A 347 31.76 -15.58 1.37
CA ILE A 347 30.81 -14.48 1.40
C ILE A 347 29.95 -14.61 2.65
N PRO A 348 29.88 -13.59 3.50
CA PRO A 348 28.99 -13.65 4.66
C PRO A 348 27.52 -13.48 4.24
N GLN A 349 26.56 -13.89 5.16
CA GLN A 349 25.21 -13.40 4.89
C GLN A 349 25.03 -11.98 5.41
N PRO A 350 24.06 -11.27 4.85
CA PRO A 350 23.85 -9.88 5.24
C PRO A 350 23.01 -9.77 6.49
N LEU A 351 23.34 -8.75 7.28
CA LEU A 351 22.47 -8.33 8.39
C LEU A 351 21.10 -7.93 7.88
N ALA A 352 21.06 -6.89 7.06
CA ALA A 352 19.83 -6.31 6.56
C ALA A 352 19.91 -6.18 5.05
N HIS A 353 18.74 -6.18 4.44
CA HIS A 353 18.71 -6.10 3.00
C HIS A 353 17.36 -5.58 2.56
N VAL A 354 17.37 -4.81 1.48
CA VAL A 354 16.17 -4.24 0.92
C VAL A 354 16.29 -4.26 -0.59
N HIS A 355 15.16 -4.35 -1.28
CA HIS A 355 15.14 -4.37 -2.71
C HIS A 355 13.88 -3.70 -3.22
N LYS A 356 13.95 -3.15 -4.43
CA LYS A 356 12.81 -2.53 -5.07
C LYS A 356 12.74 -2.98 -6.52
N TYR A 357 11.56 -3.32 -6.97
CA TYR A 357 11.33 -3.64 -8.35
C TYR A 357 10.41 -2.58 -8.94
N TRP A 358 10.82 -2.01 -10.08
CA TRP A 358 10.09 -0.96 -10.78
C TRP A 358 9.59 -1.56 -12.08
N ALA A 359 8.31 -1.94 -12.10
CA ALA A 359 7.72 -2.54 -13.29
C ALA A 359 7.82 -1.63 -14.51
N HIS A 360 7.77 -0.31 -14.33
CA HIS A 360 7.98 0.65 -15.41
C HIS A 360 9.07 1.64 -15.00
N GLY A 361 10.27 1.11 -14.75
CA GLY A 361 11.36 1.96 -14.31
C GLY A 361 11.66 3.09 -15.27
N VAL A 362 11.73 2.80 -16.57
CA VAL A 362 12.02 3.81 -17.58
C VAL A 362 10.91 3.77 -18.61
N GLU A 363 10.42 4.93 -18.99
CA GLU A 363 9.45 5.05 -20.06
C GLU A 363 9.94 6.10 -21.05
N PHE A 364 9.73 5.83 -22.33
CA PHE A 364 10.42 6.57 -23.39
C PHE A 364 9.58 6.67 -24.64
N CYS A 365 9.88 7.73 -25.41
CA CYS A 365 9.37 7.86 -26.77
C CYS A 365 9.91 6.71 -27.63
N ARG A 366 9.02 5.99 -28.32
CA ARG A 366 9.44 4.97 -29.27
C ARG A 366 9.19 5.33 -30.73
N ASP A 367 8.30 6.29 -31.00
CA ASP A 367 8.39 7.06 -32.24
C ASP A 367 9.44 8.15 -32.06
N SER A 368 10.66 7.69 -31.73
CA SER A 368 11.74 8.60 -31.36
C SER A 368 12.09 9.49 -32.54
N ASP A 369 12.51 10.71 -32.22
CA ASP A 369 12.72 11.77 -33.21
C ASP A 369 11.42 12.10 -33.96
N ILE A 370 10.32 12.18 -33.20
CA ILE A 370 9.04 12.67 -33.73
C ILE A 370 9.02 14.18 -33.56
N ASP A 371 10.14 14.76 -33.13
CA ASP A 371 10.17 16.12 -32.58
C ASP A 371 9.12 16.26 -31.49
N HIS A 372 8.96 15.19 -30.70
CA HIS A 372 7.96 15.06 -29.66
C HIS A 372 7.99 16.27 -28.73
N PRO A 373 6.90 17.05 -28.62
CA PRO A 373 6.90 18.20 -27.72
C PRO A 373 6.99 17.77 -26.26
N SER A 374 7.37 18.74 -25.41
CA SER A 374 7.74 18.45 -24.03
C SER A 374 6.56 18.10 -23.13
N ALA A 375 5.38 18.67 -23.37
CA ALA A 375 4.15 18.22 -22.74
C ALA A 375 3.12 17.97 -23.83
N LEU A 376 2.06 17.24 -23.49
CA LEU A 376 0.98 16.96 -24.43
C LEU A 376 -0.31 17.63 -23.97
N SER A 377 -1.24 17.74 -24.90
CA SER A 377 -2.59 18.20 -24.61
C SER A 377 -3.57 17.29 -25.31
N HIS A 378 -4.63 16.92 -24.60
CA HIS A 378 -5.71 16.14 -25.22
C HIS A 378 -6.38 17.02 -26.27
N ARG A 379 -6.40 16.53 -27.52
CA ARG A 379 -6.91 17.32 -28.64
C ARG A 379 -8.31 17.86 -28.35
N ASP A 380 -9.13 17.10 -27.60
CA ASP A 380 -10.50 17.48 -27.30
C ASP A 380 -10.61 18.31 -26.02
N SER A 381 -10.26 17.70 -24.88
CA SER A 381 -10.63 18.23 -23.56
C SER A 381 -9.64 19.24 -22.99
N GLY A 382 -8.44 19.38 -23.56
CA GLY A 382 -7.47 20.29 -22.97
C GLY A 382 -6.82 19.83 -21.68
N ILE A 383 -6.94 18.55 -21.31
CA ILE A 383 -6.13 18.01 -20.22
C ILE A 383 -4.68 17.99 -20.67
N ILE A 384 -3.79 18.44 -19.79
CA ILE A 384 -2.37 18.48 -20.09
C ILE A 384 -1.67 17.33 -19.38
N ALA A 385 -0.79 16.65 -20.12
CA ALA A 385 -0.02 15.53 -19.60
C ALA A 385 1.43 15.95 -19.46
N CYS A 386 2.06 15.56 -18.35
CA CYS A 386 3.39 16.00 -17.97
C CYS A 386 4.20 14.81 -17.52
N SER A 387 5.38 14.61 -18.12
CA SER A 387 6.19 13.43 -17.86
C SER A 387 7.54 13.54 -18.55
N ASP A 388 8.54 12.89 -17.96
CA ASP A 388 9.88 12.85 -18.55
C ASP A 388 9.92 12.09 -19.87
N ALA A 389 8.95 11.19 -20.10
CA ALA A 389 8.96 10.38 -21.32
C ALA A 389 8.68 11.19 -22.58
N TYR A 390 8.08 12.39 -22.45
CA TYR A 390 7.73 13.25 -23.58
C TYR A 390 8.88 14.14 -24.05
N THR A 391 10.04 14.04 -23.42
CA THR A 391 11.14 14.95 -23.66
C THR A 391 12.31 14.21 -24.29
N GLU A 392 13.28 15.00 -24.74
CA GLU A 392 14.55 14.45 -25.19
C GLU A 392 15.24 13.63 -24.09
N HIS A 393 14.96 13.94 -22.83
CA HIS A 393 15.61 13.30 -21.70
C HIS A 393 14.75 12.21 -21.05
N CYS A 394 14.01 11.46 -21.88
CA CYS A 394 13.24 10.32 -21.38
C CYS A 394 14.11 9.46 -20.48
N GLY A 395 13.68 9.31 -19.23
CA GLY A 395 14.36 8.45 -18.28
C GLY A 395 15.22 9.16 -17.26
N TRP A 396 15.18 10.48 -17.19
CA TRP A 396 16.01 11.27 -16.30
C TRP A 396 15.13 12.30 -15.60
N MET A 397 15.48 12.65 -14.37
CA MET A 397 14.71 13.67 -13.67
C MET A 397 14.68 14.97 -14.48
N GLU A 398 15.80 15.27 -15.17
CA GLU A 398 15.90 16.44 -16.04
C GLU A 398 14.72 16.51 -16.99
N GLY A 399 14.32 15.37 -17.56
CA GLY A 399 13.15 15.35 -18.42
C GLY A 399 11.89 15.77 -17.70
N GLY A 400 11.75 15.37 -16.43
CA GLY A 400 10.58 15.79 -15.67
C GLY A 400 10.56 17.28 -15.40
N LEU A 401 11.74 17.86 -15.15
CA LEU A 401 11.82 19.31 -14.99
C LEU A 401 11.46 20.03 -16.28
N LEU A 402 11.92 19.49 -17.42
CA LEU A 402 11.59 20.10 -18.69
C LEU A 402 10.10 19.98 -18.99
N SER A 403 9.54 18.77 -18.82
CA SER A 403 8.12 18.60 -19.11
C SER A 403 7.28 19.48 -18.20
N ALA A 404 7.71 19.65 -16.94
CA ALA A 404 6.93 20.47 -16.02
C ALA A 404 6.87 21.92 -16.48
N ARG A 405 8.00 22.49 -16.91
CA ARG A 405 8.01 23.88 -17.36
C ARG A 405 7.07 24.09 -18.54
N GLU A 406 7.06 23.17 -19.50
CA GLU A 406 6.14 23.26 -20.62
C GLU A 406 4.69 23.15 -20.16
N ALA A 407 4.36 22.10 -19.40
CA ALA A 407 2.98 21.87 -18.99
C ALA A 407 2.41 23.08 -18.26
N SER A 408 3.19 23.72 -17.41
CA SER A 408 2.64 24.87 -16.70
C SER A 408 2.42 26.05 -17.65
N ARG A 409 3.28 26.23 -18.65
CA ARG A 409 3.06 27.30 -19.63
C ARG A 409 1.80 27.05 -20.43
N LEU A 410 1.62 25.83 -20.95
CA LEU A 410 0.37 25.43 -21.58
C LEU A 410 -0.84 25.75 -20.71
N LEU A 411 -0.74 25.51 -19.40
CA LEU A 411 -1.89 25.72 -18.52
C LEU A 411 -2.06 27.18 -18.14
N LEU A 412 -0.97 27.95 -18.09
CA LEU A 412 -1.09 29.38 -17.85
C LEU A 412 -1.65 30.10 -19.07
N GLN A 413 -1.27 29.64 -20.27
CA GLN A 413 -1.84 30.23 -21.47
C GLN A 413 -3.34 29.92 -21.58
N ARG A 414 -3.78 28.80 -21.03
CA ARG A 414 -5.19 28.45 -21.09
C ARG A 414 -5.96 28.99 -19.89
N ILE A 415 -5.27 29.25 -18.76
CA ILE A 415 -5.88 30.00 -17.67
C ILE A 415 -6.10 31.44 -18.07
N ALA A 416 -5.10 32.06 -18.71
CA ALA A 416 -5.30 33.34 -19.38
C ALA A 416 -6.09 33.11 -20.66
N ALA A 417 -6.03 34.04 -21.60
CA ALA A 417 -6.78 33.94 -22.86
C ALA A 417 -8.28 33.92 -22.59
N LYS B 1 9.05 -25.26 -10.54
CA LYS B 1 7.66 -25.24 -10.10
C LYS B 1 7.39 -24.14 -9.07
N HIS B 2 6.36 -23.32 -9.36
CA HIS B 2 5.75 -22.45 -8.35
C HIS B 2 4.41 -23.07 -7.94
N SER B 3 4.50 -24.12 -7.11
CA SER B 3 3.34 -24.93 -6.78
C SER B 3 3.38 -25.31 -5.30
N SER B 4 2.23 -25.76 -4.79
CA SER B 4 2.16 -26.17 -3.40
C SER B 4 1.08 -27.22 -3.26
N ASP B 5 1.20 -28.03 -2.20
CA ASP B 5 0.12 -28.96 -1.88
C ASP B 5 -1.11 -28.23 -1.39
N ILE B 6 -0.93 -27.33 -0.42
CA ILE B 6 -2.01 -26.56 0.16
C ILE B 6 -1.71 -25.06 0.08
N CYS B 7 -2.71 -24.29 -0.30
CA CYS B 7 -2.61 -22.86 -0.34
C CYS B 7 -3.74 -22.22 0.48
N ILE B 8 -3.37 -21.29 1.35
CA ILE B 8 -4.32 -20.46 2.09
C ILE B 8 -4.19 -19.03 1.58
N VAL B 9 -5.24 -18.49 1.00
CA VAL B 9 -5.26 -17.07 0.69
C VAL B 9 -5.89 -16.36 1.88
N GLY B 10 -5.09 -15.60 2.60
CA GLY B 10 -5.61 -14.79 3.69
C GLY B 10 -4.87 -15.08 4.97
N ALA B 11 -4.25 -14.05 5.53
CA ALA B 11 -3.41 -14.23 6.72
C ALA B 11 -3.91 -13.37 7.87
N GLY B 12 -5.22 -13.14 7.92
CA GLY B 12 -5.85 -12.73 9.16
C GLY B 12 -5.79 -13.88 10.16
N ILE B 13 -6.52 -13.71 11.24
CA ILE B 13 -6.54 -14.74 12.27
C ILE B 13 -7.22 -16.01 11.76
N SER B 14 -8.18 -15.90 10.84
CA SER B 14 -8.81 -17.10 10.31
C SER B 14 -7.80 -17.92 9.53
N GLY B 15 -7.10 -17.28 8.58
CA GLY B 15 -6.19 -18.01 7.72
C GLY B 15 -5.04 -18.62 8.49
N LEU B 16 -4.44 -17.85 9.40
CA LEU B 16 -3.32 -18.39 10.17
C LEU B 16 -3.75 -19.49 11.13
N THR B 17 -5.01 -19.54 11.51
CA THR B 17 -5.45 -20.61 12.37
C THR B 17 -5.72 -21.87 11.55
N CYS B 18 -6.27 -21.71 10.35
CA CYS B 18 -6.30 -22.82 9.40
C CYS B 18 -4.91 -23.42 9.22
N ALA B 19 -3.92 -22.57 8.91
CA ALA B 19 -2.55 -23.05 8.75
C ALA B 19 -2.11 -23.85 9.97
N SER B 20 -2.39 -23.32 11.16
CA SER B 20 -1.91 -23.97 12.39
C SER B 20 -2.60 -25.31 12.64
N HIS B 21 -3.88 -25.43 12.32
CA HIS B 21 -4.54 -26.71 12.49
C HIS B 21 -4.02 -27.72 11.48
N LEU B 22 -3.84 -27.30 10.23
CA LEU B 22 -3.37 -28.20 9.19
C LEU B 22 -1.99 -28.76 9.53
N LEU B 23 -1.07 -27.90 9.95
CA LEU B 23 0.28 -28.35 10.25
C LEU B 23 0.32 -29.21 11.51
N ASP B 24 -0.71 -29.15 12.35
CA ASP B 24 -0.75 -30.05 13.51
C ASP B 24 -1.17 -31.48 13.14
N SER B 25 -1.99 -31.64 12.10
CA SER B 25 -2.46 -32.96 11.69
C SER B 25 -1.32 -33.78 11.07
N PRO B 26 -1.10 -35.02 11.52
CA PRO B 26 -0.11 -35.88 10.86
C PRO B 26 -0.44 -36.15 9.40
N ALA B 27 -1.71 -36.00 9.00
CA ALA B 27 -2.08 -36.17 7.59
C ALA B 27 -1.37 -35.17 6.67
N CYS B 28 -0.80 -34.09 7.22
CA CYS B 28 -0.11 -33.08 6.42
C CYS B 28 1.40 -33.18 6.53
N ARG B 29 1.91 -34.25 7.15
CA ARG B 29 3.35 -34.50 7.12
C ARG B 29 3.84 -34.50 5.69
N GLY B 30 4.89 -33.72 5.43
CA GLY B 30 5.49 -33.65 4.12
C GLY B 30 4.79 -32.78 3.11
N LEU B 31 3.50 -32.51 3.28
CA LEU B 31 2.83 -31.60 2.37
C LEU B 31 3.31 -30.17 2.58
N SER B 32 3.30 -29.39 1.51
CA SER B 32 3.82 -28.04 1.53
C SER B 32 2.68 -27.03 1.60
N LEU B 33 2.88 -25.97 2.39
CA LEU B 33 1.86 -24.97 2.66
C LEU B 33 2.34 -23.59 2.24
N ARG B 34 1.59 -22.95 1.35
CA ARG B 34 1.85 -21.59 0.93
C ARG B 34 0.71 -20.68 1.39
N ILE B 35 1.04 -19.53 1.98
CA ILE B 35 0.06 -18.57 2.48
C ILE B 35 0.26 -17.23 1.76
N PHE B 36 -0.79 -16.78 1.07
CA PHE B 36 -0.80 -15.47 0.43
C PHE B 36 -1.62 -14.50 1.26
N ASP B 37 -1.19 -13.23 1.25
CA ASP B 37 -2.02 -12.12 1.72
C ASP B 37 -1.68 -10.89 0.91
N MET B 38 -2.70 -10.12 0.52
CA MET B 38 -2.45 -8.94 -0.31
C MET B 38 -1.72 -7.86 0.47
N GLN B 39 -1.89 -7.80 1.78
CA GLN B 39 -1.17 -6.84 2.59
C GLN B 39 0.26 -7.31 2.83
N GLN B 40 1.06 -6.39 3.36
CA GLN B 40 2.47 -6.63 3.64
C GLN B 40 2.70 -7.18 5.04
N GLU B 41 1.70 -7.15 5.91
CA GLU B 41 1.77 -7.73 7.24
C GLU B 41 0.54 -8.59 7.46
N ALA B 42 0.70 -9.67 8.22
CA ALA B 42 -0.43 -10.50 8.59
C ALA B 42 -1.25 -9.82 9.70
N GLY B 43 -2.47 -10.28 9.88
CA GLY B 43 -3.32 -9.68 10.89
C GLY B 43 -4.68 -9.26 10.37
N GLY B 44 -4.75 -8.83 9.11
CA GLY B 44 -5.97 -8.27 8.56
C GLY B 44 -6.62 -7.22 9.43
N ARG B 45 -7.86 -7.44 9.84
CA ARG B 45 -8.52 -6.46 10.70
C ARG B 45 -8.05 -6.51 12.15
N ILE B 46 -6.99 -7.25 12.45
CA ILE B 46 -6.23 -7.07 13.69
C ILE B 46 -4.97 -6.28 13.36
N ARG B 47 -4.90 -5.04 13.81
CA ARG B 47 -3.78 -4.17 13.49
C ARG B 47 -3.44 -3.34 14.73
N SER B 48 -2.32 -3.65 15.37
CA SER B 48 -1.85 -2.92 16.56
C SER B 48 -0.73 -1.96 16.16
N LYS B 49 -0.69 -0.80 16.83
CA LYS B 49 0.25 0.27 16.49
C LYS B 49 0.71 0.96 17.77
N MET B 50 1.96 1.40 17.79
CA MET B 50 2.46 2.31 18.81
C MET B 50 2.15 3.74 18.38
N LEU B 51 1.33 4.45 19.15
CA LEU B 51 1.01 5.84 18.86
C LEU B 51 2.05 6.74 19.52
N ASP B 52 2.73 7.54 18.72
CA ASP B 52 3.76 8.47 19.19
C ASP B 52 4.95 7.72 19.82
N GLY B 53 5.06 6.41 19.59
CA GLY B 53 6.02 5.56 20.26
C GLY B 53 5.72 5.29 21.72
N LYS B 54 4.75 5.98 22.31
CA LYS B 54 4.52 5.92 23.76
C LYS B 54 3.73 4.68 24.14
N ALA B 55 2.45 4.63 23.75
CA ALA B 55 1.51 3.60 24.17
C ALA B 55 1.04 2.78 22.97
N SER B 56 0.39 1.65 23.24
CA SER B 56 -0.05 0.69 22.24
C SER B 56 -1.56 0.77 22.03
N ILE B 57 -1.98 0.91 20.77
CA ILE B 57 -3.38 1.16 20.40
C ILE B 57 -3.84 0.11 19.40
N GLU B 58 -5.17 -0.08 19.33
CA GLU B 58 -5.79 -1.08 18.47
C GLU B 58 -6.60 -0.38 17.37
N LEU B 59 -6.07 -0.38 16.16
CA LEU B 59 -6.78 0.24 15.05
C LEU B 59 -7.91 -0.66 14.55
N GLY B 60 -7.83 -1.95 14.80
CA GLY B 60 -8.87 -2.89 14.46
C GLY B 60 -9.44 -3.48 15.74
N ALA B 61 -9.53 -4.82 15.80
CA ALA B 61 -10.05 -5.51 16.99
C ALA B 61 -9.28 -5.12 18.24
N GLY B 62 -10.02 -4.82 19.31
CA GLY B 62 -9.36 -4.46 20.55
C GLY B 62 -9.76 -5.16 21.84
N ARG B 63 -10.89 -5.86 21.90
CA ARG B 63 -11.31 -6.45 23.18
C ARG B 63 -11.92 -7.84 22.99
N TYR B 64 -11.96 -8.62 24.08
CA TYR B 64 -12.60 -9.92 24.02
C TYR B 64 -13.17 -10.27 25.39
N SER B 65 -14.08 -11.23 25.42
CA SER B 65 -14.73 -11.66 26.65
C SER B 65 -14.55 -13.15 26.89
N PRO B 66 -14.14 -13.56 28.08
CA PRO B 66 -14.10 -15.02 28.37
C PRO B 66 -15.44 -15.69 28.17
N GLN B 67 -16.53 -14.98 28.49
CA GLN B 67 -17.87 -15.55 28.35
C GLN B 67 -18.20 -15.82 26.90
N LEU B 68 -17.93 -14.85 26.04
CA LEU B 68 -18.33 -14.93 24.64
C LEU B 68 -17.28 -15.53 23.73
N HIS B 69 -15.99 -15.48 24.11
CA HIS B 69 -14.90 -15.81 23.21
C HIS B 69 -13.89 -16.77 23.86
N PRO B 70 -14.35 -17.95 24.30
CA PRO B 70 -13.43 -18.83 25.04
C PRO B 70 -12.31 -19.39 24.18
N HIS B 71 -12.58 -19.71 22.92
CA HIS B 71 -11.50 -20.13 22.03
C HIS B 71 -10.46 -19.02 21.82
N PHE B 72 -10.91 -17.75 21.77
CA PHE B 72 -9.92 -16.68 21.68
C PHE B 72 -9.09 -16.60 22.95
N GLN B 73 -9.72 -16.64 24.12
CA GLN B 73 -8.97 -16.64 25.39
C GLN B 73 -7.94 -17.76 25.44
N SER B 74 -8.31 -18.96 25.01
CA SER B 74 -7.37 -20.08 25.02
C SER B 74 -6.20 -19.83 24.06
N ALA B 75 -6.48 -19.28 22.87
CA ALA B 75 -5.40 -18.88 21.98
C ALA B 75 -4.43 -17.91 22.67
N MET B 76 -4.95 -16.89 23.35
CA MET B 76 -4.07 -15.94 24.04
C MET B 76 -3.19 -16.65 25.05
N GLN B 77 -3.76 -17.61 25.81
CA GLN B 77 -2.97 -18.31 26.80
C GLN B 77 -1.98 -19.26 26.13
N HIS B 78 -2.42 -19.99 25.11
CA HIS B 78 -1.53 -20.92 24.41
CA HIS B 78 -1.50 -20.92 24.48
C HIS B 78 -0.26 -20.22 23.95
N TYR B 79 -0.39 -18.99 23.45
CA TYR B 79 0.74 -18.22 22.95
C TYR B 79 1.27 -17.24 23.99
N SER B 80 0.89 -17.43 25.25
CA SER B 80 1.45 -16.68 26.38
C SER B 80 1.32 -15.16 26.22
N GLN B 81 0.27 -14.68 25.54
CA GLN B 81 -0.01 -13.25 25.51
C GLN B 81 -0.69 -12.83 26.80
N LYS B 82 -0.24 -11.73 27.39
CA LYS B 82 -0.83 -11.25 28.63
C LYS B 82 -2.00 -10.32 28.35
N SER B 83 -3.10 -10.54 29.06
CA SER B 83 -4.28 -9.69 28.98
C SER B 83 -4.34 -8.71 30.13
N GLU B 84 -5.02 -7.61 29.90
CA GLU B 84 -5.34 -6.64 30.93
C GLU B 84 -6.84 -6.42 30.92
N VAL B 85 -7.38 -6.06 32.08
CA VAL B 85 -8.80 -5.78 32.18
C VAL B 85 -9.17 -4.61 31.28
N TYR B 86 -10.32 -4.74 30.60
CA TYR B 86 -10.82 -3.71 29.71
C TYR B 86 -11.82 -2.84 30.47
N PRO B 87 -11.57 -1.54 30.63
CA PRO B 87 -12.35 -0.76 31.60
C PRO B 87 -13.73 -0.31 31.11
N PHE B 88 -13.98 -0.28 29.81
CA PHE B 88 -15.11 0.45 29.27
C PHE B 88 -16.38 -0.41 29.23
N THR B 89 -16.84 -0.85 30.41
CA THR B 89 -17.98 -1.74 30.49
C THR B 89 -19.21 -1.10 31.14
N GLN B 90 -19.09 0.14 31.59
CA GLN B 90 -20.18 0.84 32.25
C GLN B 90 -20.16 2.29 31.81
N LEU B 91 -21.33 2.93 31.86
CA LEU B 91 -21.48 4.36 31.63
C LEU B 91 -21.77 5.02 32.97
N LYS B 92 -20.75 5.62 33.58
CA LYS B 92 -21.00 6.29 34.85
C LYS B 92 -21.76 7.60 34.64
N PHE B 93 -21.55 8.20 33.48
CA PHE B 93 -22.23 9.42 33.06
C PHE B 93 -23.46 9.16 32.20
N LYS B 94 -24.44 8.45 32.74
CA LYS B 94 -25.67 8.06 32.05
C LYS B 94 -26.65 9.19 31.78
N SER B 95 -27.65 8.89 30.97
CA SER B 95 -28.68 9.85 30.60
C SER B 95 -30.07 9.30 30.90
N HIS B 96 -31.04 10.19 31.02
CA HIS B 96 -32.40 9.74 31.25
C HIS B 96 -32.81 8.66 30.26
N VAL B 97 -32.44 8.85 28.99
CA VAL B 97 -32.78 7.89 27.95
C VAL B 97 -32.07 6.56 28.20
N GLN B 98 -30.77 6.62 28.50
CA GLN B 98 -30.01 5.40 28.74
C GLN B 98 -30.53 4.65 29.96
N GLN B 99 -30.84 5.39 31.04
CA GLN B 99 -31.52 4.78 32.18
C GLN B 99 -32.87 4.19 31.80
N LYS B 100 -33.70 4.98 31.10
CA LYS B 100 -35.10 4.66 30.88
C LYS B 100 -35.35 3.25 30.34
N LEU B 101 -34.50 2.95 29.37
CA LEU B 101 -34.65 1.79 28.48
C LEU B 101 -33.97 0.49 28.77
N LYS B 102 -33.21 0.47 29.87
CA LYS B 102 -32.73 -0.79 30.36
C LYS B 102 -34.02 -1.51 30.80
N ARG B 103 -34.88 -0.80 31.54
CA ARG B 103 -36.21 -1.20 31.96
C ARG B 103 -37.11 -1.42 30.74
N ALA B 104 -36.98 -0.56 29.75
CA ALA B 104 -37.81 -0.63 28.57
C ALA B 104 -37.53 -1.75 27.58
N MET B 105 -36.39 -2.40 27.67
CA MET B 105 -36.11 -3.44 26.70
C MET B 105 -36.45 -4.82 27.23
N ASN B 106 -36.64 -4.93 28.55
CA ASN B 106 -37.23 -6.13 29.13
C ASN B 106 -38.67 -6.31 28.67
N GLU B 107 -39.46 -5.22 28.64
CA GLU B 107 -40.88 -5.30 28.30
C GLU B 107 -41.10 -5.96 26.95
N LEU B 108 -40.47 -5.40 25.92
CA LEU B 108 -40.71 -5.83 24.55
C LEU B 108 -40.19 -7.23 24.25
N SER B 109 -39.78 -7.90 25.32
CA SER B 109 -39.09 -9.16 25.22
C SER B 109 -39.87 -10.13 24.40
N PRO B 110 -41.19 -10.08 24.45
CA PRO B 110 -41.96 -11.02 23.65
C PRO B 110 -41.98 -10.49 22.22
N ARG B 111 -41.00 -10.99 21.49
CA ARG B 111 -40.73 -10.65 20.14
C ARG B 111 -40.63 -11.89 19.32
N LEU B 112 -41.18 -12.98 19.82
CA LEU B 112 -41.10 -14.20 19.02
C LEU B 112 -41.84 -14.01 17.70
N LYS B 113 -43.11 -13.62 17.78
CA LYS B 113 -43.95 -13.33 16.62
C LYS B 113 -44.61 -11.96 16.71
N GLU B 114 -44.90 -11.48 17.91
CA GLU B 114 -45.57 -10.20 18.02
C GLU B 114 -44.74 -9.11 17.36
N HIS B 115 -43.43 -9.16 17.59
CA HIS B 115 -42.48 -8.23 17.00
C HIS B 115 -41.61 -8.93 15.98
N GLY B 116 -41.36 -10.20 16.22
CA GLY B 116 -40.60 -11.01 15.31
C GLY B 116 -39.24 -10.48 14.89
N LYS B 117 -39.06 -10.55 13.59
CA LYS B 117 -37.86 -10.17 12.86
C LYS B 117 -38.07 -8.91 12.03
N GLU B 118 -38.83 -7.94 12.55
CA GLU B 118 -38.94 -6.61 11.96
C GLU B 118 -37.59 -5.91 11.98
N SER B 119 -37.53 -4.66 11.51
CA SER B 119 -36.38 -3.86 11.85
C SER B 119 -36.43 -3.54 13.35
N PHE B 120 -35.25 -3.39 13.94
CA PHE B 120 -35.17 -3.01 15.34
C PHE B 120 -35.89 -1.67 15.58
N LEU B 121 -35.78 -0.74 14.63
CA LEU B 121 -36.46 0.56 14.80
C LEU B 121 -37.98 0.40 14.69
N GLN B 122 -38.44 -0.30 13.65
CA GLN B 122 -39.87 -0.62 13.51
C GLN B 122 -40.43 -1.26 14.78
N PHE B 123 -39.70 -2.22 15.33
CA PHE B 123 -39.98 -2.88 16.60
C PHE B 123 -40.21 -1.85 17.71
N VAL B 124 -39.14 -1.16 18.11
CA VAL B 124 -39.20 -0.21 19.23
C VAL B 124 -40.18 0.92 18.94
N SER B 125 -40.43 1.23 17.66
CA SER B 125 -41.44 2.23 17.31
C SER B 125 -42.82 1.87 17.83
N ARG B 126 -43.01 0.59 18.13
CA ARG B 126 -44.24 0.07 18.72
C ARG B 126 -44.48 0.39 20.17
N TYR B 127 -43.46 0.23 20.99
CA TYR B 127 -43.56 0.45 22.44
C TYR B 127 -43.86 1.87 22.77
N GLN B 128 -43.20 2.74 22.05
CA GLN B 128 -43.38 4.16 22.19
C GLN B 128 -43.32 4.80 20.82
N GLY B 129 -43.49 6.08 20.76
CA GLY B 129 -43.60 6.54 19.39
C GLY B 129 -42.36 6.29 18.57
N HIS B 130 -42.37 6.76 17.32
CA HIS B 130 -41.16 6.70 16.51
C HIS B 130 -40.10 7.65 17.04
N ASP B 131 -40.49 8.88 17.40
CA ASP B 131 -39.55 9.85 17.97
C ASP B 131 -38.83 9.27 19.18
N SER B 132 -39.59 8.85 20.20
CA SER B 132 -39.00 8.26 21.40
C SER B 132 -38.07 7.11 21.07
N ALA B 133 -38.43 6.29 20.06
CA ALA B 133 -37.62 5.12 19.70
C ALA B 133 -36.27 5.52 19.11
N VAL B 134 -36.23 6.60 18.32
CA VAL B 134 -34.96 7.05 17.75
C VAL B 134 -34.01 7.45 18.86
N GLY B 135 -34.50 8.24 19.82
CA GLY B 135 -33.63 8.69 20.90
C GLY B 135 -33.15 7.56 21.77
N MET B 136 -33.97 6.52 21.93
CA MET B 136 -33.55 5.35 22.70
C MET B 136 -32.46 4.58 21.98
N ILE B 137 -32.67 4.31 20.68
CA ILE B 137 -31.67 3.56 19.93
C ILE B 137 -30.40 4.37 19.79
N ARG B 138 -30.52 5.68 19.52
CA ARG B 138 -29.34 6.53 19.39
C ARG B 138 -28.49 6.51 20.65
N SER B 139 -29.12 6.43 21.82
CA SER B 139 -28.36 6.51 23.07
C SER B 139 -27.45 5.29 23.30
N MET B 140 -27.50 4.27 22.45
CA MET B 140 -26.60 3.12 22.59
C MET B 140 -25.34 3.24 21.74
N GLY B 141 -25.26 4.27 20.89
CA GLY B 141 -24.04 4.69 20.21
C GLY B 141 -23.54 3.78 19.11
N TYR B 142 -24.32 2.78 18.69
CA TYR B 142 -24.01 1.97 17.51
C TYR B 142 -25.07 2.27 16.45
N ASP B 143 -24.69 3.07 15.44
CA ASP B 143 -25.66 3.49 14.44
C ASP B 143 -26.16 2.34 13.55
N ALA B 144 -25.46 1.22 13.47
CA ALA B 144 -26.00 0.09 12.73
C ALA B 144 -27.36 -0.38 13.26
N LEU B 145 -27.69 -0.06 14.51
CA LEU B 145 -28.99 -0.41 15.06
C LEU B 145 -30.16 0.27 14.36
N PHE B 146 -29.91 1.31 13.53
CA PHE B 146 -30.96 2.00 12.78
C PHE B 146 -31.23 1.41 11.40
N LEU B 147 -30.38 0.49 10.91
CA LEU B 147 -30.52 0.00 9.56
C LEU B 147 -31.70 -0.96 9.43
N PRO B 148 -32.39 -0.94 8.28
CA PRO B 148 -33.58 -1.81 8.13
C PRO B 148 -33.25 -3.30 8.12
N ASP B 149 -32.15 -3.70 7.48
CA ASP B 149 -31.77 -5.12 7.45
C ASP B 149 -31.07 -5.57 8.72
N ILE B 150 -31.13 -4.78 9.78
CA ILE B 150 -30.77 -5.20 11.13
C ILE B 150 -32.09 -5.46 11.85
N SER B 151 -32.43 -6.72 11.99
CA SER B 151 -33.69 -7.11 12.58
C SER B 151 -33.68 -6.82 14.08
N ALA B 152 -34.88 -6.77 14.67
CA ALA B 152 -34.97 -6.63 16.11
C ALA B 152 -34.34 -7.82 16.82
N GLU B 153 -34.43 -9.01 16.22
CA GLU B 153 -33.79 -10.18 16.81
C GLU B 153 -32.28 -10.00 16.82
N MET B 154 -31.70 -9.68 15.66
CA MET B 154 -30.28 -9.36 15.62
C MET B 154 -29.91 -8.35 16.70
N ALA B 155 -30.60 -7.21 16.70
CA ALA B 155 -30.21 -6.06 17.53
C ALA B 155 -30.00 -6.43 18.98
N TYR B 156 -30.94 -7.19 19.56
CA TYR B 156 -30.80 -7.59 20.96
C TYR B 156 -29.50 -8.38 21.20
N ASP B 157 -29.14 -9.29 20.28
CA ASP B 157 -27.86 -9.98 20.42
C ASP B 157 -26.68 -9.02 20.26
N ILE B 158 -26.76 -8.10 19.29
CA ILE B 158 -25.71 -7.08 19.14
C ILE B 158 -25.52 -6.31 20.45
N VAL B 159 -26.63 -5.88 21.06
CA VAL B 159 -26.54 -5.00 22.22
C VAL B 159 -25.98 -5.75 23.42
N GLY B 160 -26.36 -7.02 23.60
CA GLY B 160 -25.83 -7.79 24.71
C GLY B 160 -24.43 -8.33 24.51
N LYS B 161 -23.87 -8.22 23.32
CA LYS B 161 -22.52 -8.68 23.08
C LYS B 161 -21.50 -7.54 23.02
N HIS B 162 -21.88 -6.31 23.37
CA HIS B 162 -20.93 -5.21 23.33
C HIS B 162 -20.74 -4.59 24.71
N PRO B 163 -19.50 -4.35 25.12
CA PRO B 163 -19.24 -4.05 26.52
C PRO B 163 -19.83 -2.74 27.02
N GLU B 164 -20.00 -1.74 26.17
CA GLU B 164 -20.44 -0.45 26.67
C GLU B 164 -21.92 -0.46 27.01
N ILE B 165 -22.70 -1.27 26.33
CA ILE B 165 -24.14 -1.29 26.46
C ILE B 165 -24.68 -2.59 27.05
N GLN B 166 -23.81 -3.58 27.32
CA GLN B 166 -24.28 -4.91 27.70
C GLN B 166 -25.11 -4.92 28.99
N SER B 167 -25.02 -3.87 29.80
CA SER B 167 -25.80 -3.81 31.02
C SER B 167 -27.28 -3.54 30.76
N VAL B 168 -27.65 -3.16 29.55
CA VAL B 168 -29.05 -2.91 29.20
C VAL B 168 -29.81 -4.22 29.00
N THR B 169 -29.08 -5.34 28.95
CA THR B 169 -29.64 -6.67 28.78
C THR B 169 -29.18 -7.53 29.95
N ASP B 170 -29.47 -8.82 29.87
CA ASP B 170 -29.10 -9.73 30.93
C ASP B 170 -27.78 -10.41 30.63
N ASN B 171 -26.88 -9.70 29.93
CA ASN B 171 -25.48 -10.08 29.76
C ASN B 171 -24.56 -9.16 30.56
N ASP B 172 -25.05 -8.60 31.67
CA ASP B 172 -24.27 -7.65 32.45
C ASP B 172 -23.18 -8.27 33.32
N ALA B 173 -23.00 -9.60 33.33
CA ALA B 173 -21.90 -10.21 34.08
C ALA B 173 -20.75 -10.64 33.18
N ASN B 174 -20.84 -10.36 31.88
CA ASN B 174 -19.73 -10.65 31.00
C ASN B 174 -18.55 -9.73 31.33
N GLN B 175 -17.36 -10.31 31.32
CA GLN B 175 -16.10 -9.66 31.60
C GLN B 175 -15.33 -9.43 30.30
N TRP B 176 -14.44 -8.43 30.31
CA TRP B 176 -13.79 -7.99 29.09
C TRP B 176 -12.31 -7.71 29.32
N PHE B 177 -11.50 -8.04 28.33
CA PHE B 177 -10.04 -7.96 28.42
C PHE B 177 -9.52 -7.42 27.10
N ALA B 178 -8.38 -6.73 27.20
CA ALA B 178 -7.60 -6.32 26.04
C ALA B 178 -6.23 -6.96 26.14
N ALA B 179 -5.50 -6.94 25.03
CA ALA B 179 -4.10 -7.33 25.06
C ALA B 179 -3.26 -6.17 25.58
N GLU B 180 -2.22 -6.48 26.35
CA GLU B 180 -1.29 -5.45 26.81
C GLU B 180 -0.40 -4.96 25.66
N THR B 181 0.23 -5.90 24.96
CA THR B 181 1.12 -5.55 23.85
C THR B 181 0.36 -5.30 22.54
N GLY B 182 -0.94 -5.51 22.52
CA GLY B 182 -1.71 -5.49 21.30
C GLY B 182 -1.96 -6.90 20.78
N PHE B 183 -3.12 -7.10 20.13
CA PHE B 183 -3.43 -8.40 19.55
C PHE B 183 -2.46 -8.80 18.46
N ALA B 184 -1.68 -7.86 17.93
CA ALA B 184 -0.70 -8.24 16.92
C ALA B 184 0.34 -9.21 17.49
N GLY B 185 0.60 -9.13 18.81
CA GLY B 185 1.47 -10.10 19.44
C GLY B 185 0.95 -11.52 19.29
N LEU B 186 -0.37 -11.70 19.31
CA LEU B 186 -0.93 -13.02 19.06
C LEU B 186 -0.75 -13.41 17.61
N ILE B 187 -1.08 -12.50 16.69
CA ILE B 187 -0.85 -12.74 15.27
C ILE B 187 0.59 -13.13 15.01
N GLN B 188 1.53 -12.43 15.65
CA GLN B 188 2.95 -12.72 15.47
C GLN B 188 3.30 -14.12 15.97
N GLY B 189 2.75 -14.50 17.12
CA GLY B 189 3.05 -15.83 17.68
C GLY B 189 2.54 -16.95 16.82
N ILE B 190 1.29 -16.83 16.35
CA ILE B 190 0.77 -17.85 15.44
C ILE B 190 1.60 -17.91 14.17
N LYS B 191 1.93 -16.73 13.61
CA LYS B 191 2.73 -16.67 12.37
C LYS B 191 4.07 -17.36 12.56
N ALA B 192 4.79 -17.01 13.63
CA ALA B 192 6.08 -17.65 13.89
C ALA B 192 5.95 -19.16 14.05
N LYS B 193 4.91 -19.64 14.75
CA LYS B 193 4.75 -21.09 14.92
C LYS B 193 4.46 -21.77 13.59
N VAL B 194 3.68 -21.13 12.73
CA VAL B 194 3.36 -21.70 11.42
C VAL B 194 4.56 -21.64 10.47
N LYS B 195 5.38 -20.59 10.57
CA LYS B 195 6.60 -20.51 9.76
C LYS B 195 7.60 -21.58 10.20
N ALA B 196 7.84 -21.69 11.51
CA ALA B 196 8.76 -22.69 12.01
C ALA B 196 8.33 -24.10 11.62
N ALA B 197 7.03 -24.36 11.55
CA ALA B 197 6.57 -25.64 11.05
C ALA B 197 6.67 -25.75 9.53
N GLY B 198 7.22 -24.75 8.83
CA GLY B 198 7.55 -24.92 7.43
C GLY B 198 6.59 -24.29 6.43
N ALA B 199 5.53 -23.64 6.85
CA ALA B 199 4.72 -22.92 5.89
C ALA B 199 5.53 -21.75 5.33
N ARG B 200 5.29 -21.42 4.07
CA ARG B 200 6.00 -20.31 3.46
C ARG B 200 5.01 -19.18 3.16
N PHE B 201 5.40 -17.95 3.51
CA PHE B 201 4.56 -16.77 3.37
C PHE B 201 4.97 -15.96 2.14
N SER B 202 3.98 -15.59 1.33
CA SER B 202 4.11 -14.65 0.21
C SER B 202 3.19 -13.47 0.51
N LEU B 203 3.69 -12.53 1.31
CA LEU B 203 2.92 -11.35 1.67
C LEU B 203 3.09 -10.27 0.60
N GLY B 204 2.06 -9.45 0.44
CA GLY B 204 2.03 -8.45 -0.59
C GLY B 204 1.53 -8.89 -1.94
N TYR B 205 0.79 -10.00 -2.02
CA TYR B 205 0.22 -10.50 -3.27
C TYR B 205 -1.29 -10.63 -3.15
N ARG B 206 -2.01 -10.05 -4.10
CA ARG B 206 -3.46 -10.07 -4.16
C ARG B 206 -3.94 -11.11 -5.16
N LEU B 207 -4.75 -12.06 -4.70
CA LEU B 207 -5.40 -13.02 -5.59
C LEU B 207 -6.47 -12.33 -6.45
N LEU B 208 -6.45 -12.64 -7.73
CA LEU B 208 -7.35 -12.01 -8.70
C LEU B 208 -8.36 -12.99 -9.27
N SER B 209 -7.93 -14.22 -9.53
CA SER B 209 -8.78 -15.22 -10.14
C SER B 209 -8.26 -16.58 -9.72
N VAL B 210 -9.11 -17.58 -9.85
CA VAL B 210 -8.73 -18.97 -9.62
C VAL B 210 -9.50 -19.82 -10.61
N ARG B 211 -8.82 -20.78 -11.22
CA ARG B 211 -9.47 -21.71 -12.13
C ARG B 211 -9.10 -23.12 -11.72
N THR B 212 -10.06 -24.04 -11.88
CA THR B 212 -9.82 -25.44 -11.58
C THR B 212 -8.98 -26.06 -12.69
N ASP B 213 -7.87 -26.70 -12.32
CA ASP B 213 -6.87 -27.18 -13.27
C ASP B 213 -6.54 -28.62 -12.91
N GLY B 214 -7.34 -29.55 -13.44
CA GLY B 214 -7.13 -30.95 -13.13
C GLY B 214 -7.53 -31.26 -11.69
N ASP B 215 -6.70 -32.04 -11.02
CA ASP B 215 -6.94 -32.37 -9.62
C ASP B 215 -6.81 -31.15 -8.71
N GLY B 216 -6.08 -30.12 -9.13
CA GLY B 216 -5.82 -28.96 -8.30
C GLY B 216 -6.29 -27.64 -8.89
N TYR B 217 -5.64 -26.55 -8.49
CA TYR B 217 -6.11 -25.22 -8.85
C TYR B 217 -4.96 -24.37 -9.37
N LEU B 218 -5.35 -23.34 -10.10
CA LEU B 218 -4.43 -22.38 -10.69
C LEU B 218 -4.81 -20.99 -10.23
N LEU B 219 -3.90 -20.30 -9.55
CA LEU B 219 -4.19 -18.97 -9.00
C LEU B 219 -3.44 -17.90 -9.77
N GLN B 220 -4.13 -16.82 -10.10
CA GLN B 220 -3.49 -15.63 -10.67
C GLN B 220 -3.40 -14.56 -9.58
N LEU B 221 -2.17 -14.15 -9.27
CA LEU B 221 -1.95 -13.13 -8.25
C LEU B 221 -1.22 -11.93 -8.85
N ALA B 222 -1.44 -10.77 -8.25
CA ALA B 222 -0.74 -9.54 -8.59
C ALA B 222 -0.04 -9.04 -7.34
N GLY B 223 1.28 -8.95 -7.39
CA GLY B 223 2.01 -8.31 -6.33
C GLY B 223 1.72 -6.82 -6.31
N ASP B 224 1.96 -6.20 -5.15
CA ASP B 224 1.62 -4.79 -5.02
C ASP B 224 2.62 -3.86 -5.72
N ASP B 225 3.71 -4.39 -6.28
CA ASP B 225 4.57 -3.66 -7.20
C ASP B 225 4.28 -4.03 -8.65
N GLY B 226 3.15 -4.72 -8.92
CA GLY B 226 2.69 -4.99 -10.26
C GLY B 226 3.07 -6.36 -10.82
N TRP B 227 4.10 -6.99 -10.27
CA TRP B 227 4.50 -8.33 -10.67
C TRP B 227 3.32 -9.29 -10.70
N LYS B 228 3.07 -9.88 -11.87
CA LYS B 228 2.02 -10.88 -12.01
C LYS B 228 2.62 -12.25 -11.73
N LEU B 229 1.86 -13.09 -11.02
CA LEU B 229 2.38 -14.36 -10.52
CA LEU B 229 2.38 -14.35 -10.51
C LEU B 229 1.30 -15.42 -10.57
N GLU B 230 1.67 -16.60 -11.02
CA GLU B 230 0.78 -17.74 -11.12
C GLU B 230 1.22 -18.82 -10.12
N HIS B 231 0.25 -19.46 -9.48
CA HIS B 231 0.54 -20.48 -8.47
C HIS B 231 -0.41 -21.66 -8.66
N ARG B 232 0.16 -22.86 -8.67
CA ARG B 232 -0.65 -24.07 -8.75
C ARG B 232 -0.69 -24.72 -7.38
N THR B 233 -1.86 -25.17 -6.96
CA THR B 233 -1.97 -25.83 -5.69
C THR B 233 -2.96 -26.96 -5.82
N ARG B 234 -2.84 -27.96 -4.93
CA ARG B 234 -3.74 -29.10 -4.92
C ARG B 234 -4.96 -28.86 -4.03
N HIS B 235 -4.82 -28.09 -2.95
CA HIS B 235 -5.94 -27.78 -2.03
C HIS B 235 -5.91 -26.29 -1.65
N LEU B 236 -7.09 -25.65 -1.67
CA LEU B 236 -7.17 -24.21 -1.51
C LEU B 236 -8.18 -23.83 -0.44
N ILE B 237 -7.76 -23.02 0.53
CA ILE B 237 -8.69 -22.32 1.43
C ILE B 237 -8.63 -20.83 1.12
N LEU B 238 -9.78 -20.23 0.93
CA LEU B 238 -9.94 -18.77 0.85
C LEU B 238 -10.38 -18.28 2.23
N ALA B 239 -9.40 -17.90 3.04
CA ALA B 239 -9.66 -17.30 4.36
C ALA B 239 -9.80 -15.77 4.26
N ILE B 240 -10.80 -15.34 3.48
CA ILE B 240 -11.04 -13.93 3.25
C ILE B 240 -12.52 -13.66 3.50
N PRO B 241 -12.90 -12.42 3.82
CA PRO B 241 -14.31 -12.15 4.13
C PRO B 241 -15.19 -12.21 2.90
N PRO B 242 -16.52 -12.22 3.08
CA PRO B 242 -17.41 -12.27 1.91
C PRO B 242 -17.17 -11.18 0.90
N SER B 243 -16.95 -9.94 1.34
CA SER B 243 -16.73 -8.84 0.39
C SER B 243 -15.55 -9.11 -0.53
N ALA B 244 -14.49 -9.75 -0.01
CA ALA B 244 -13.39 -10.16 -0.87
C ALA B 244 -13.80 -11.29 -1.81
N MET B 245 -14.56 -12.28 -1.32
CA MET B 245 -15.01 -13.39 -2.17
C MET B 245 -15.79 -12.90 -3.38
N ALA B 246 -16.70 -11.94 -3.17
CA ALA B 246 -17.50 -11.44 -4.27
C ALA B 246 -16.64 -10.83 -5.36
N GLY B 247 -15.47 -10.30 -5.02
CA GLY B 247 -14.57 -9.74 -6.02
C GLY B 247 -13.83 -10.76 -6.87
N LEU B 248 -13.99 -12.04 -6.61
CA LEU B 248 -13.28 -13.05 -7.38
C LEU B 248 -14.18 -13.51 -8.53
N ASN B 249 -13.85 -14.66 -9.12
CA ASN B 249 -14.61 -15.28 -10.19
C ASN B 249 -15.09 -16.66 -9.79
N VAL B 250 -15.64 -16.78 -8.57
CA VAL B 250 -15.92 -18.08 -7.97
C VAL B 250 -17.40 -18.26 -7.65
N ASP B 251 -18.26 -17.39 -8.18
CA ASP B 251 -19.71 -17.50 -8.01
C ASP B 251 -20.09 -17.42 -6.54
N PHE B 252 -19.69 -16.32 -5.91
CA PHE B 252 -20.05 -16.10 -4.53
C PHE B 252 -21.18 -15.10 -4.50
N PRO B 253 -22.24 -15.36 -3.70
CA PRO B 253 -22.45 -16.48 -2.76
C PRO B 253 -23.21 -17.71 -3.28
N GLU B 254 -23.75 -17.64 -4.50
CA GLU B 254 -24.76 -18.60 -4.96
C GLU B 254 -24.23 -20.03 -4.98
N ALA B 255 -22.99 -20.22 -5.42
CA ALA B 255 -22.40 -21.54 -5.49
C ALA B 255 -21.85 -22.02 -4.16
N TRP B 256 -22.15 -21.31 -3.08
CA TRP B 256 -21.52 -21.51 -1.79
C TRP B 256 -22.51 -21.69 -0.65
N SER B 257 -23.59 -20.91 -0.65
CA SER B 257 -24.61 -21.01 0.39
C SER B 257 -25.87 -20.31 -0.09
N GLY B 258 -26.94 -20.48 0.69
CA GLY B 258 -28.18 -19.80 0.34
C GLY B 258 -28.12 -18.32 0.66
N ALA B 259 -27.32 -17.93 1.63
CA ALA B 259 -27.45 -16.63 2.28
C ALA B 259 -26.90 -15.49 1.42
N ARG B 260 -27.42 -14.30 1.68
CA ARG B 260 -26.86 -13.03 1.25
CA ARG B 260 -26.84 -13.05 1.23
C ARG B 260 -26.00 -12.45 2.36
N TYR B 261 -25.09 -11.56 1.99
CA TYR B 261 -24.15 -11.01 2.96
C TYR B 261 -24.06 -9.49 2.85
N GLY B 262 -23.77 -8.85 4.00
CA GLY B 262 -23.66 -7.40 4.05
C GLY B 262 -22.56 -6.97 4.99
N SER B 263 -22.25 -5.67 4.96
CA SER B 263 -21.17 -5.15 5.78
C SER B 263 -21.42 -3.70 6.17
N LEU B 264 -20.84 -3.30 7.30
CA LEU B 264 -20.79 -1.94 7.82
C LEU B 264 -19.38 -1.40 7.80
N PRO B 265 -19.19 -0.12 7.51
CA PRO B 265 -17.89 0.49 7.74
C PRO B 265 -17.73 0.89 9.21
N LEU B 266 -16.47 0.94 9.65
CA LEU B 266 -16.10 1.37 10.99
C LEU B 266 -15.02 2.43 10.87
N PHE B 267 -14.96 3.33 11.85
CA PHE B 267 -13.94 4.37 11.89
C PHE B 267 -13.51 4.52 13.33
N LYS B 268 -12.20 4.58 13.56
CA LYS B 268 -11.66 4.89 14.87
C LYS B 268 -10.65 6.03 14.72
N GLY B 269 -10.64 6.94 15.70
CA GLY B 269 -9.67 8.02 15.74
C GLY B 269 -9.07 8.14 17.13
N PHE B 270 -7.74 8.25 17.21
CA PHE B 270 -6.97 8.26 18.45
C PHE B 270 -6.20 9.57 18.56
N LEU B 271 -6.17 10.17 19.76
CA LEU B 271 -5.44 11.41 19.98
C LEU B 271 -4.62 11.33 21.26
N THR B 272 -3.39 11.85 21.20
CA THR B 272 -2.51 11.98 22.35
CA THR B 272 -2.57 11.99 22.40
C THR B 272 -2.28 13.46 22.66
N TYR B 273 -1.98 13.75 23.91
CA TYR B 273 -1.82 15.13 24.36
C TYR B 273 -0.55 15.29 25.18
N GLY B 274 -0.16 16.54 25.36
CA GLY B 274 0.98 16.84 26.22
C GLY B 274 0.70 16.56 27.68
N GLU B 275 -0.53 16.80 28.13
CA GLU B 275 -0.94 16.49 29.49
C GLU B 275 -2.25 15.73 29.48
N PRO B 276 -2.42 14.75 30.37
CA PRO B 276 -3.71 14.04 30.42
C PRO B 276 -4.79 14.89 31.05
N TRP B 277 -5.28 15.88 30.29
CA TRP B 277 -6.19 16.90 30.81
C TRP B 277 -7.53 16.36 31.30
N TRP B 278 -7.91 15.15 30.90
CA TRP B 278 -9.21 14.61 31.29
C TRP B 278 -9.23 14.06 32.71
N LEU B 279 -8.08 13.95 33.37
CA LEU B 279 -8.08 13.42 34.73
C LEU B 279 -8.76 14.37 35.72
N ASP B 280 -8.71 15.69 35.48
CA ASP B 280 -9.42 16.61 36.36
C ASP B 280 -10.91 16.33 36.35
N TYR B 281 -11.45 15.83 35.26
CA TYR B 281 -12.87 15.54 35.15
C TYR B 281 -13.20 14.10 35.56
N LYS B 282 -12.22 13.38 36.13
CA LYS B 282 -12.39 12.00 36.59
C LYS B 282 -12.89 11.11 35.45
N LEU B 283 -12.26 11.26 34.29
CA LEU B 283 -12.69 10.57 33.07
C LEU B 283 -11.76 9.42 32.69
N ASP B 284 -10.59 9.30 33.30
CA ASP B 284 -9.73 8.18 32.98
C ASP B 284 -10.52 6.88 33.09
N ASP B 285 -10.35 6.01 32.10
CA ASP B 285 -10.99 4.70 32.01
C ASP B 285 -12.52 4.76 31.93
N GLN B 286 -13.11 5.86 31.44
CA GLN B 286 -14.54 5.97 31.21
C GLN B 286 -14.86 6.12 29.72
N VAL B 287 -16.09 5.75 29.36
CA VAL B 287 -16.60 5.86 28.01
C VAL B 287 -17.87 6.68 28.04
N LEU B 288 -17.96 7.67 27.18
CA LEU B 288 -19.15 8.51 27.04
C LEU B 288 -19.83 8.18 25.72
N ILE B 289 -21.14 8.01 25.77
CA ILE B 289 -21.95 7.76 24.58
C ILE B 289 -22.80 9.00 24.35
N VAL B 290 -22.66 9.62 23.18
CA VAL B 290 -23.22 10.93 22.92
C VAL B 290 -23.96 10.88 21.59
N ASP B 291 -24.88 11.82 21.42
CA ASP B 291 -25.56 11.90 20.13
C ASP B 291 -24.76 12.66 19.08
N ASN B 292 -23.76 13.46 19.48
CA ASN B 292 -22.95 14.17 18.51
C ASN B 292 -22.07 13.17 17.74
N PRO B 293 -21.47 13.60 16.63
CA PRO B 293 -20.82 12.64 15.71
C PRO B 293 -19.69 11.78 16.29
N LEU B 294 -19.06 12.17 17.39
CA LEU B 294 -18.06 11.29 17.99
C LEU B 294 -18.70 9.98 18.49
N ARG B 295 -19.96 10.03 18.92
CA ARG B 295 -20.79 8.89 19.29
C ARG B 295 -20.30 8.13 20.52
N LYS B 296 -19.07 7.62 20.51
CA LYS B 296 -18.51 6.90 21.65
C LYS B 296 -17.10 7.39 21.89
N ILE B 297 -16.85 7.98 23.05
CA ILE B 297 -15.58 8.60 23.39
C ILE B 297 -14.97 7.85 24.56
N TYR B 298 -13.70 7.49 24.44
CA TYR B 298 -13.03 6.65 25.43
C TYR B 298 -11.79 7.37 25.93
N PHE B 299 -11.55 7.28 27.22
CA PHE B 299 -10.39 7.90 27.85
C PHE B 299 -9.57 6.76 28.45
N LYS B 300 -8.46 6.40 27.81
CA LYS B 300 -7.65 5.27 28.25
C LYS B 300 -6.61 5.76 29.23
N GLY B 301 -6.86 5.49 30.51
CA GLY B 301 -5.95 5.87 31.57
C GLY B 301 -5.62 7.33 31.49
N ASP B 302 -4.33 7.62 31.58
CA ASP B 302 -3.78 8.95 31.32
C ASP B 302 -3.01 9.01 30.00
N LYS B 303 -3.22 8.04 29.10
CA LYS B 303 -2.35 7.90 27.93
C LYS B 303 -2.93 8.48 26.64
N TYR B 304 -4.20 8.25 26.34
CA TYR B 304 -4.81 8.78 25.12
C TYR B 304 -6.32 8.68 25.26
N LEU B 305 -7.02 9.36 24.37
CA LEU B 305 -8.44 9.16 24.16
C LEU B 305 -8.70 8.73 22.73
N PHE B 306 -9.85 8.13 22.49
CA PHE B 306 -10.24 7.79 21.12
C PHE B 306 -11.76 7.78 21.01
N PHE B 307 -12.24 7.77 19.77
CA PHE B 307 -13.66 7.62 19.49
C PHE B 307 -13.88 6.55 18.43
N TYR B 308 -15.11 6.07 18.33
CA TYR B 308 -15.41 4.87 17.56
C TYR B 308 -16.82 4.97 16.99
N THR B 309 -16.96 4.87 15.68
CA THR B 309 -18.22 5.10 14.99
C THR B 309 -18.40 4.04 13.91
N ASP B 310 -19.63 3.91 13.40
CA ASP B 310 -19.91 2.91 12.37
C ASP B 310 -20.98 3.44 11.44
N SER B 311 -21.22 2.69 10.37
CA SER B 311 -22.25 3.02 9.39
C SER B 311 -22.11 4.46 8.91
N GLU B 312 -23.23 5.19 8.82
CA GLU B 312 -23.16 6.54 8.27
C GLU B 312 -22.22 7.43 9.05
N MET B 313 -22.11 7.23 10.37
CA MET B 313 -21.20 8.07 11.13
C MET B 313 -19.73 7.75 10.86
N ALA B 314 -19.40 6.50 10.47
CA ALA B 314 -18.01 6.23 10.05
C ALA B 314 -17.72 6.90 8.72
N ASN B 315 -18.68 6.89 7.79
CA ASN B 315 -18.50 7.57 6.51
C ASN B 315 -18.37 9.08 6.68
N TYR B 316 -19.12 9.65 7.62
CA TYR B 316 -18.99 11.09 7.90
C TYR B 316 -17.56 11.43 8.26
N TRP B 317 -16.99 10.75 9.27
CA TRP B 317 -15.63 11.04 9.68
C TRP B 317 -14.62 10.78 8.56
N ARG B 318 -14.84 9.76 7.74
CA ARG B 318 -13.88 9.48 6.68
C ARG B 318 -13.93 10.57 5.62
N GLY B 319 -15.13 11.04 5.31
CA GLY B 319 -15.26 12.18 4.41
C GLY B 319 -14.60 13.43 4.97
N CYS B 320 -14.88 13.75 6.23
CA CYS B 320 -14.28 14.90 6.89
CA CYS B 320 -14.28 14.94 6.82
C CYS B 320 -12.76 14.83 6.88
N VAL B 321 -12.20 13.61 6.99
CA VAL B 321 -10.74 13.47 6.93
C VAL B 321 -10.23 13.75 5.52
N ALA B 322 -11.02 13.43 4.48
CA ALA B 322 -10.60 13.67 3.12
C ALA B 322 -10.48 15.16 2.81
N GLU B 323 -11.31 15.99 3.45
CA GLU B 323 -11.22 17.45 3.39
C GLU B 323 -10.07 18.02 4.24
N GLY B 324 -9.24 17.20 4.85
CA GLY B 324 -8.00 17.68 5.44
C GLY B 324 -7.96 17.59 6.95
N GLU B 325 -6.75 17.37 7.48
CA GLU B 325 -6.54 17.17 8.92
C GLU B 325 -7.19 18.27 9.75
N ASP B 326 -7.21 19.50 9.24
CA ASP B 326 -7.43 20.69 10.06
C ASP B 326 -8.86 20.78 10.54
N GLY B 327 -9.81 20.75 9.60
CA GLY B 327 -11.22 20.72 9.98
C GLY B 327 -11.62 19.47 10.73
N TYR B 328 -10.94 18.34 10.46
CA TYR B 328 -11.17 17.11 11.21
C TYR B 328 -10.81 17.30 12.67
N LEU B 329 -9.59 17.77 12.96
CA LEU B 329 -9.21 18.00 14.35
C LEU B 329 -10.09 19.07 14.98
N GLU B 330 -10.48 20.08 14.22
CA GLU B 330 -11.29 21.12 14.83
C GLU B 330 -12.70 20.60 15.13
N GLN B 331 -13.27 19.78 14.25
CA GLN B 331 -14.59 19.23 14.55
CA GLN B 331 -14.58 19.21 14.54
C GLN B 331 -14.54 18.33 15.79
N ILE B 332 -13.50 17.49 15.91
CA ILE B 332 -13.32 16.68 17.11
C ILE B 332 -13.35 17.53 18.37
N ARG B 333 -12.65 18.67 18.35
CA ARG B 333 -12.53 19.51 19.54
C ARG B 333 -13.87 20.09 19.93
N THR B 334 -14.62 20.56 18.94
CA THR B 334 -15.97 21.04 19.19
C THR B 334 -16.81 19.99 19.89
N HIS B 335 -16.86 18.78 19.32
CA HIS B 335 -17.69 17.71 19.88
C HIS B 335 -17.15 17.19 21.20
N LEU B 336 -15.84 17.24 21.42
CA LEU B 336 -15.37 16.91 22.78
C LEU B 336 -15.87 17.92 23.79
N ALA B 337 -15.82 19.22 23.46
CA ALA B 337 -16.30 20.26 24.38
C ALA B 337 -17.78 20.07 24.68
N SER B 338 -18.58 19.86 23.64
CA SER B 338 -20.00 19.61 23.84
C SER B 338 -20.26 18.38 24.71
N ALA B 339 -19.52 17.27 24.49
CA ALA B 339 -19.77 16.08 25.29
C ALA B 339 -19.40 16.28 26.75
N LEU B 340 -18.43 17.15 27.05
CA LEU B 340 -18.05 17.40 28.43
C LEU B 340 -18.82 18.55 29.09
N GLY B 341 -19.62 19.30 28.35
CA GLY B 341 -20.26 20.49 28.91
C GLY B 341 -19.29 21.60 29.28
N ILE B 342 -18.29 21.85 28.44
CA ILE B 342 -17.33 22.92 28.62
C ILE B 342 -17.20 23.67 27.30
N VAL B 343 -16.36 24.73 27.30
CA VAL B 343 -16.08 25.54 26.11
C VAL B 343 -14.84 24.99 25.40
N ARG B 344 -14.83 25.13 24.07
CA ARG B 344 -13.79 24.46 23.27
C ARG B 344 -12.38 24.89 23.68
N GLU B 345 -12.23 26.08 24.26
CA GLU B 345 -10.89 26.53 24.63
C GLU B 345 -10.30 25.77 25.82
N ARG B 346 -11.11 25.00 26.57
CA ARG B 346 -10.58 24.14 27.63
CA ARG B 346 -10.56 24.15 27.62
C ARG B 346 -10.05 22.81 27.10
N ILE B 347 -10.22 22.51 25.81
CA ILE B 347 -9.70 21.29 25.20
C ILE B 347 -8.39 21.64 24.51
N PRO B 348 -7.25 21.13 24.98
CA PRO B 348 -6.00 21.43 24.28
C PRO B 348 -6.02 20.85 22.87
N GLN B 349 -5.08 21.32 22.07
CA GLN B 349 -4.82 20.66 20.81
CA GLN B 349 -4.79 20.67 20.81
C GLN B 349 -3.93 19.42 21.05
N PRO B 350 -4.02 18.41 20.19
CA PRO B 350 -3.24 17.20 20.41
C PRO B 350 -1.83 17.27 19.84
N LEU B 351 -0.91 16.56 20.50
CA LEU B 351 0.40 16.33 19.90
C LEU B 351 0.24 15.54 18.61
N ALA B 352 -0.01 14.25 18.77
CA ALA B 352 -0.14 13.30 17.69
C ALA B 352 -1.55 12.75 17.63
N HIS B 353 -1.91 12.23 16.46
CA HIS B 353 -3.14 11.48 16.34
C HIS B 353 -3.05 10.53 15.16
N VAL B 354 -3.88 9.49 15.19
CA VAL B 354 -3.97 8.57 14.07
C VAL B 354 -5.43 8.14 13.93
N HIS B 355 -5.83 7.82 12.70
CA HIS B 355 -7.17 7.31 12.47
C HIS B 355 -7.12 6.13 11.51
N LYS B 356 -8.25 5.42 11.45
CA LYS B 356 -8.36 4.29 10.53
C LYS B 356 -9.81 4.15 10.13
N TYR B 357 -10.05 3.98 8.84
CA TYR B 357 -11.38 3.72 8.28
C TYR B 357 -11.37 2.33 7.65
N TRP B 358 -12.32 1.50 8.05
CA TRP B 358 -12.44 0.15 7.50
C TRP B 358 -13.71 0.13 6.67
N ALA B 359 -13.56 0.07 5.35
CA ALA B 359 -14.71 0.06 4.46
C ALA B 359 -15.66 -1.10 4.77
N HIS B 360 -15.12 -2.25 5.15
CA HIS B 360 -15.94 -3.44 5.48
C HIS B 360 -15.53 -3.90 6.87
N GLY B 361 -15.81 -3.06 7.88
CA GLY B 361 -15.32 -3.36 9.21
C GLY B 361 -15.94 -4.62 9.77
N VAL B 362 -17.26 -4.69 9.77
CA VAL B 362 -18.00 -5.88 10.16
C VAL B 362 -18.63 -6.47 8.92
N GLU B 363 -18.50 -7.78 8.75
CA GLU B 363 -19.22 -8.50 7.71
C GLU B 363 -20.07 -9.57 8.37
N PHE B 364 -21.32 -9.66 7.95
CA PHE B 364 -22.32 -10.49 8.62
C PHE B 364 -23.21 -11.14 7.58
N CYS B 365 -23.76 -12.31 7.93
CA CYS B 365 -24.82 -12.93 7.15
C CYS B 365 -26.17 -12.38 7.57
N ARG B 366 -27.00 -12.04 6.61
CA ARG B 366 -28.36 -11.69 6.92
C ARG B 366 -28.89 -13.12 6.80
N ASP B 367 -29.53 -13.66 7.83
CA ASP B 367 -29.80 -15.10 7.81
C ASP B 367 -30.93 -15.63 6.92
N SER B 368 -30.70 -15.52 5.62
CA SER B 368 -31.58 -16.04 4.62
C SER B 368 -31.61 -17.59 4.58
N ASP B 369 -30.44 -18.24 4.69
CA ASP B 369 -30.44 -19.70 4.67
C ASP B 369 -30.98 -20.25 6.00
N ILE B 370 -31.46 -21.50 5.95
CA ILE B 370 -32.03 -22.16 7.11
C ILE B 370 -30.92 -22.39 8.13
N ASP B 371 -29.99 -23.27 7.77
CA ASP B 371 -28.75 -23.46 8.54
C ASP B 371 -27.60 -22.75 7.83
N HIS B 372 -26.59 -22.40 8.63
CA HIS B 372 -25.39 -21.72 8.15
C HIS B 372 -24.19 -22.37 8.81
N PRO B 373 -23.38 -23.14 8.07
CA PRO B 373 -22.23 -23.82 8.67
C PRO B 373 -21.05 -22.87 8.84
N SER B 374 -20.07 -23.32 9.63
CA SER B 374 -18.98 -22.42 10.03
C SER B 374 -18.04 -22.09 8.87
N ALA B 375 -17.63 -23.07 8.08
CA ALA B 375 -16.91 -22.85 6.83
C ALA B 375 -17.78 -23.25 5.65
N LEU B 376 -17.38 -22.84 4.45
CA LEU B 376 -18.15 -23.05 3.23
C LEU B 376 -17.38 -23.91 2.27
N SER B 377 -18.11 -24.45 1.28
CA SER B 377 -17.56 -25.27 0.21
C SER B 377 -18.21 -24.86 -1.10
N HIS B 378 -17.39 -24.71 -2.14
CA HIS B 378 -17.94 -24.62 -3.48
C HIS B 378 -18.57 -25.96 -3.85
N ARG B 379 -19.82 -25.93 -4.31
CA ARG B 379 -20.49 -27.16 -4.73
C ARG B 379 -19.65 -27.93 -5.74
N ASP B 380 -19.09 -27.23 -6.74
CA ASP B 380 -18.39 -27.87 -7.84
C ASP B 380 -16.92 -28.13 -7.51
N SER B 381 -16.16 -27.06 -7.27
CA SER B 381 -14.69 -27.13 -7.31
C SER B 381 -14.05 -27.64 -6.01
N GLY B 382 -14.75 -27.60 -4.87
CA GLY B 382 -14.14 -28.02 -3.63
C GLY B 382 -13.21 -27.01 -2.98
N ILE B 383 -13.32 -25.73 -3.34
CA ILE B 383 -12.64 -24.67 -2.62
C ILE B 383 -13.35 -24.44 -1.30
N ILE B 384 -12.59 -24.30 -0.24
CA ILE B 384 -13.13 -24.05 1.09
C ILE B 384 -13.00 -22.57 1.43
N ALA B 385 -14.07 -22.00 1.97
CA ALA B 385 -14.13 -20.59 2.35
C ALA B 385 -14.21 -20.47 3.86
N CYS B 386 -13.56 -19.45 4.40
CA CYS B 386 -13.31 -19.37 5.83
C CYS B 386 -13.32 -17.90 6.26
N SER B 387 -14.16 -17.57 7.25
CA SER B 387 -14.42 -16.18 7.62
C SER B 387 -15.27 -16.11 8.89
N ASP B 388 -15.07 -15.05 9.69
CA ASP B 388 -15.89 -14.87 10.87
C ASP B 388 -17.36 -14.66 10.51
N ALA B 389 -17.63 -14.23 9.27
CA ALA B 389 -18.98 -13.94 8.85
C ALA B 389 -19.86 -15.18 8.71
N TYR B 390 -19.27 -16.38 8.65
CA TYR B 390 -20.06 -17.58 8.45
C TYR B 390 -20.46 -18.27 9.75
N THR B 391 -20.26 -17.62 10.89
CA THR B 391 -20.47 -18.28 12.17
C THR B 391 -21.48 -17.51 13.00
N GLU B 392 -21.81 -18.10 14.16
CA GLU B 392 -22.63 -17.46 15.18
C GLU B 392 -21.97 -16.21 15.76
N HIS B 393 -20.70 -15.97 15.47
CA HIS B 393 -19.92 -14.86 15.99
C HIS B 393 -19.44 -13.94 14.88
N CYS B 394 -20.26 -13.74 13.85
CA CYS B 394 -19.92 -12.75 12.83
C CYS B 394 -19.60 -11.43 13.51
N GLY B 395 -18.49 -10.81 13.07
CA GLY B 395 -17.99 -9.58 13.64
C GLY B 395 -17.03 -9.73 14.80
N TRP B 396 -16.59 -10.96 15.11
CA TRP B 396 -15.71 -11.22 16.23
C TRP B 396 -14.57 -12.14 15.84
N MET B 397 -13.41 -11.94 16.47
CA MET B 397 -12.29 -12.85 16.29
C MET B 397 -12.69 -14.29 16.56
N GLU B 398 -13.52 -14.50 17.59
CA GLU B 398 -13.99 -15.85 17.94
C GLU B 398 -14.59 -16.55 16.73
N GLY B 399 -15.36 -15.82 15.91
CA GLY B 399 -15.86 -16.40 14.68
C GLY B 399 -14.76 -16.85 13.73
N GLY B 400 -13.64 -16.13 13.70
CA GLY B 400 -12.54 -16.55 12.85
C GLY B 400 -11.95 -17.89 13.29
N LEU B 401 -11.69 -18.03 14.58
CA LEU B 401 -11.17 -19.30 15.10
C LEU B 401 -12.14 -20.44 14.87
N LEU B 402 -13.44 -20.15 14.92
CA LEU B 402 -14.42 -21.20 14.74
C LEU B 402 -14.57 -21.59 13.28
N SER B 403 -14.52 -20.61 12.37
CA SER B 403 -14.57 -20.94 10.96
C SER B 403 -13.34 -21.72 10.55
N ALA B 404 -12.18 -21.36 11.12
CA ALA B 404 -10.92 -21.98 10.71
C ALA B 404 -10.89 -23.45 11.12
N ARG B 405 -11.45 -23.78 12.29
CA ARG B 405 -11.40 -25.18 12.70
C ARG B 405 -12.26 -26.04 11.79
N GLU B 406 -13.47 -25.58 11.48
CA GLU B 406 -14.28 -26.29 10.50
C GLU B 406 -13.60 -26.32 9.14
N ALA B 407 -13.03 -25.19 8.71
CA ALA B 407 -12.36 -25.13 7.42
C ALA B 407 -11.21 -26.12 7.34
N SER B 408 -10.40 -26.23 8.39
CA SER B 408 -9.32 -27.21 8.34
C SER B 408 -9.86 -28.64 8.41
N ARG B 409 -10.98 -28.86 9.09
CA ARG B 409 -11.59 -30.20 9.07
C ARG B 409 -12.05 -30.59 7.68
N LEU B 410 -12.81 -29.70 7.02
CA LEU B 410 -13.25 -29.98 5.65
C LEU B 410 -12.07 -30.30 4.73
N LEU B 411 -10.96 -29.58 4.88
CA LEU B 411 -9.83 -29.84 4.00
C LEU B 411 -9.13 -31.14 4.36
N LEU B 412 -9.14 -31.53 5.63
CA LEU B 412 -8.54 -32.81 5.99
C LEU B 412 -9.36 -33.98 5.44
N GLN B 413 -10.67 -33.79 5.24
CA GLN B 413 -11.48 -34.80 4.57
C GLN B 413 -11.11 -34.90 3.09
N ARG B 414 -10.72 -33.80 2.48
CA ARG B 414 -10.32 -33.81 1.07
C ARG B 414 -9.03 -34.61 0.86
N ILE B 415 -8.13 -34.62 1.85
CA ILE B 415 -6.93 -35.45 1.77
C ILE B 415 -7.26 -36.90 2.03
N ALA B 416 -8.07 -37.18 3.06
CA ALA B 416 -8.41 -38.55 3.42
C ALA B 416 -9.28 -39.24 2.37
N ALA B 417 -9.82 -38.50 1.41
CA ALA B 417 -10.72 -39.03 0.38
C ALA B 417 -10.04 -39.12 -0.97
#